data_3SFW
#
_entry.id   3SFW
#
_cell.length_a   65.807
_cell.length_b   109.112
_cell.length_c   140.984
_cell.angle_alpha   90.00
_cell.angle_beta   90.00
_cell.angle_gamma   90.00
#
_symmetry.space_group_name_H-M   'P 21 21 2'
#
loop_
_entity.id
_entity.type
_entity.pdbx_description
1 polymer Dihydropyrimidinase
2 non-polymer 'ACETATE ION'
3 non-polymer 'ZINC ION'
4 water water
#
_entity_poly.entity_id   1
_entity_poly.type   'polypeptide(L)'
_entity_poly.pdbx_seq_one_letter_code
;MKKWIRNGTVVTASDTYQADVLIDGEKVVAIGSDLQATDAEVIDATGYYLLPGGIDPHTHLDMPFGGTVTSDNFFTGTKA
AAFGGTTSIVDFCLTSKGESLHSAIATWHEKARGKAVIDYGFHLMVSDANDHVLEELESVVNNEGITSL(KCX)VFMAYK
NVLMADDETLFKTLIRAKELGALVQVHAENGDVLDYLTKQALAEGNTDPIYHAYTRPPEAEGEATGRAIALTALADAQLY
VVHVSCADAVRRIAEAREKGWNVYGETCPQYLVLDITALEKPDFEGAKYVWSPPLREKWNQDVLWSALKNGILQTVGSDH
CPFNFSGQKELGRRDFTKIPNGGPIIEDRMTILFSEGVRKGKISLNQFVDITSTKVAKLFGMFPQKGTIAVGSDADIVLF
DPTVQRTISVETHHMNVDYNPFEGMQVHGDVISVLSRGAFVVRNKQFVGHAGAGRYVKRSTFARP
;
_entity_poly.pdbx_strand_id   A,B
#
# COMPACT_ATOMS: atom_id res chain seq x y z
N MET A 1 48.51 21.19 12.14
CA MET A 1 49.63 20.25 12.41
C MET A 1 49.53 18.91 11.64
N LYS A 2 50.63 18.15 11.69
CA LYS A 2 50.66 16.86 11.05
C LYS A 2 50.59 15.78 12.10
N LYS A 3 49.90 14.70 11.77
CA LYS A 3 49.80 13.55 12.65
C LYS A 3 50.07 12.29 11.85
N TRP A 4 50.89 11.41 12.40
CA TRP A 4 51.34 10.21 11.72
C TRP A 4 50.88 9.03 12.56
N ILE A 5 49.77 8.40 12.12
CA ILE A 5 49.20 7.28 12.85
C ILE A 5 49.87 6.00 12.38
N ARG A 6 50.62 5.38 13.29
CA ARG A 6 51.51 4.25 12.91
C ARG A 6 51.13 2.90 13.50
N ASN A 7 51.37 1.84 12.72
CA ASN A 7 51.31 0.48 13.25
C ASN A 7 49.90 -0.08 13.41
N GLY A 8 48.91 0.59 12.80
CA GLY A 8 47.52 0.13 12.88
C GLY A 8 47.10 -0.63 11.62
N THR A 9 45.90 -1.21 11.66
CA THR A 9 45.29 -1.89 10.49
C THR A 9 44.10 -1.09 9.99
N VAL A 10 44.25 -0.53 8.79
CA VAL A 10 43.17 0.24 8.13
C VAL A 10 42.11 -0.72 7.58
N VAL A 11 40.83 -0.46 7.88
CA VAL A 11 39.75 -1.26 7.31
C VAL A 11 38.77 -0.27 6.77
N THR A 12 38.44 -0.39 5.50
CA THR A 12 37.43 0.47 4.92
C THR A 12 36.35 -0.43 4.31
N ALA A 13 35.47 0.13 3.49
CA ALA A 13 34.38 -0.68 2.95
C ALA A 13 34.91 -1.71 1.97
N SER A 14 36.06 -1.41 1.35
CA SER A 14 36.69 -2.38 0.44
C SER A 14 37.96 -3.02 1.03
N ASP A 15 38.81 -2.20 1.62
CA ASP A 15 40.20 -2.57 1.82
C ASP A 15 40.43 -2.99 3.27
N THR A 16 41.49 -3.79 3.48
CA THR A 16 41.99 -4.15 4.83
C THR A 16 43.50 -4.34 4.73
N TYR A 17 44.29 -3.54 5.46
CA TYR A 17 45.74 -3.56 5.22
C TYR A 17 46.46 -2.87 6.35
N GLN A 18 47.73 -3.23 6.53
CA GLN A 18 48.55 -2.59 7.54
C GLN A 18 49.36 -1.49 6.91
N ALA A 19 49.14 -0.26 7.33
CA ALA A 19 49.97 0.83 6.85
C ALA A 19 49.81 1.97 7.81
N ASP A 20 50.66 2.98 7.65
CA ASP A 20 50.54 4.22 8.41
C ASP A 20 49.74 5.27 7.65
N VAL A 21 49.11 6.16 8.40
CA VAL A 21 48.31 7.23 7.77
C VAL A 21 48.86 8.56 8.21
N LEU A 22 49.12 9.44 7.24
CA LEU A 22 49.61 10.78 7.50
C LEU A 22 48.53 11.82 7.27
N ILE A 23 48.25 12.59 8.34
CA ILE A 23 47.27 13.67 8.28
C ILE A 23 48.02 14.99 8.27
N ASP A 24 47.58 15.94 7.44
CA ASP A 24 48.16 17.29 7.46
C ASP A 24 46.99 18.26 7.52
N GLY A 25 46.83 18.91 8.66
CA GLY A 25 45.67 19.79 8.77
C GLY A 25 44.39 18.94 8.95
N GLU A 26 43.40 19.16 8.08
CA GLU A 26 42.08 18.52 8.27
C GLU A 26 41.94 17.20 7.49
N LYS A 27 42.94 16.89 6.68
CA LYS A 27 42.78 15.88 5.61
C LYS A 27 43.88 14.82 5.64
N VAL A 28 43.54 13.63 5.18
CA VAL A 28 44.55 12.61 4.98
C VAL A 28 45.34 12.95 3.73
N VAL A 29 46.68 12.95 3.84
CA VAL A 29 47.54 13.31 2.70
C VAL A 29 48.44 12.19 2.20
N ALA A 30 48.65 11.15 3.02
CA ALA A 30 49.41 9.99 2.56
C ALA A 30 49.10 8.76 3.35
N ILE A 31 49.26 7.61 2.71
CA ILE A 31 49.15 6.37 3.41
C ILE A 31 50.28 5.52 2.86
N GLY A 32 50.93 4.75 3.72
CA GLY A 32 52.15 4.09 3.28
C GLY A 32 52.80 3.31 4.38
N SER A 33 53.61 2.34 3.97
CA SER A 33 54.30 1.46 4.90
C SER A 33 55.60 2.10 5.44
N ASP A 34 56.14 3.07 4.72
CA ASP A 34 57.42 3.65 5.12
C ASP A 34 57.47 5.15 4.79
N LEU A 35 56.59 5.94 5.39
CA LEU A 35 56.42 7.32 4.95
C LEU A 35 57.58 8.26 5.39
N GLN A 36 58.25 7.91 6.49
CA GLN A 36 59.29 8.79 7.08
C GLN A 36 58.83 10.24 7.22
N ALA A 37 57.66 10.42 7.81
CA ALA A 37 57.08 11.74 8.02
C ALA A 37 57.95 12.56 8.94
N THR A 38 58.26 13.78 8.50
CA THR A 38 59.00 14.70 9.36
C THR A 38 58.03 15.63 10.06
N ASP A 39 58.32 15.88 11.32
CA ASP A 39 57.65 16.93 12.07
C ASP A 39 56.19 16.59 12.24
N ALA A 40 55.87 15.31 12.37
CA ALA A 40 54.50 14.92 12.66
C ALA A 40 54.40 14.36 14.05
N GLU A 41 53.28 14.58 14.72
CA GLU A 41 52.99 13.91 15.99
C GLU A 41 52.73 12.42 15.74
N VAL A 42 53.52 11.54 16.37
CA VAL A 42 53.34 10.10 16.19
C VAL A 42 52.22 9.59 17.09
N ILE A 43 51.21 8.95 16.49
CA ILE A 43 50.12 8.31 17.23
C ILE A 43 50.28 6.81 17.06
N ASP A 44 50.45 6.13 18.18
CA ASP A 44 50.66 4.68 18.15
C ASP A 44 49.34 3.89 18.09
N ALA A 45 49.07 3.25 16.95
CA ALA A 45 47.82 2.48 16.76
C ALA A 45 48.05 0.96 16.78
N THR A 46 49.13 0.52 17.42
CA THR A 46 49.38 -0.91 17.61
C THR A 46 48.18 -1.59 18.23
N GLY A 47 47.73 -2.69 17.62
CA GLY A 47 46.62 -3.48 18.14
C GLY A 47 45.23 -2.89 17.85
N TYR A 48 45.19 -1.80 17.12
CA TYR A 48 43.89 -1.18 16.77
C TYR A 48 43.58 -1.36 15.29
N TYR A 49 42.29 -1.33 14.98
CA TYR A 49 41.81 -0.94 13.67
C TYR A 49 41.70 0.60 13.54
N LEU A 50 42.04 1.12 12.36
CA LEU A 50 41.67 2.49 11.98
C LEU A 50 40.41 2.36 11.11
N LEU A 51 39.31 2.89 11.61
CA LEU A 51 38.01 2.85 10.89
C LEU A 51 37.66 4.23 10.41
N PRO A 52 37.00 4.34 9.23
CA PRO A 52 36.37 5.64 8.93
C PRO A 52 35.34 5.96 10.01
N GLY A 53 35.28 7.21 10.44
CA GLY A 53 34.35 7.55 11.53
C GLY A 53 32.97 7.14 11.11
N GLY A 54 32.19 6.58 12.05
CA GLY A 54 30.78 6.29 11.73
C GLY A 54 30.03 7.54 11.31
N ILE A 55 29.05 7.40 10.40
CA ILE A 55 28.19 8.54 10.04
C ILE A 55 26.80 8.06 10.34
N ASP A 56 26.14 8.72 11.31
CA ASP A 56 24.81 8.31 11.72
C ASP A 56 23.77 9.16 11.03
N PRO A 57 23.05 8.59 10.05
CA PRO A 57 22.14 9.40 9.26
C PRO A 57 20.79 9.61 9.96
N HIS A 58 20.66 9.22 11.22
CA HIS A 58 19.33 9.20 11.82
C HIS A 58 19.34 9.68 13.28
N THR A 59 19.37 11.00 13.47
CA THR A 59 19.40 11.54 14.86
C THR A 59 18.32 12.60 15.06
N HIS A 60 17.92 12.78 16.32
CA HIS A 60 16.90 13.75 16.70
C HIS A 60 17.38 14.50 17.95
N LEU A 61 18.42 15.33 17.78
CA LEU A 61 18.95 16.05 18.95
C LEU A 61 18.11 17.32 19.22
N ASP A 62 17.89 17.62 20.50
CA ASP A 62 17.11 18.79 20.90
C ASP A 62 15.80 18.89 20.16
N MET A 63 15.12 17.75 20.03
CA MET A 63 13.92 17.68 19.21
C MET A 63 12.68 17.87 20.09
N PRO A 64 11.78 18.78 19.71
CA PRO A 64 10.49 18.83 20.42
C PRO A 64 9.56 17.70 19.98
N PHE A 65 9.10 16.89 20.91
CA PHE A 65 8.31 15.67 20.56
C PHE A 65 7.76 15.05 21.83
N GLY A 66 6.61 14.40 21.71
CA GLY A 66 6.09 13.56 22.79
C GLY A 66 5.70 14.39 23.99
N GLY A 67 5.39 15.67 23.78
CA GLY A 67 5.05 16.60 24.86
C GLY A 67 6.24 17.14 25.62
N THR A 68 7.45 16.95 25.05
CA THR A 68 8.68 17.35 25.79
C THR A 68 9.79 17.59 24.77
N VAL A 69 11.04 17.53 25.18
CA VAL A 69 12.18 17.77 24.25
C VAL A 69 13.20 16.68 24.48
N THR A 70 13.83 16.15 23.40
CA THR A 70 14.78 15.05 23.64
C THR A 70 15.92 15.50 24.53
N SER A 71 16.48 14.57 25.30
CA SER A 71 17.29 14.98 26.41
C SER A 71 18.73 15.24 26.05
N ASP A 72 19.20 14.78 24.87
CA ASP A 72 20.49 15.24 24.37
C ASP A 72 20.28 16.43 23.47
N ASN A 73 21.10 17.47 23.64
CA ASN A 73 21.13 18.57 22.67
C ASN A 73 22.30 18.36 21.72
N PHE A 74 22.60 19.36 20.89
CA PHE A 74 23.68 19.15 19.91
C PHE A 74 25.03 18.98 20.54
N PHE A 75 25.25 19.57 21.73
CA PHE A 75 26.52 19.36 22.42
C PHE A 75 26.60 17.91 22.98
N THR A 76 25.69 17.56 23.88
CA THR A 76 25.81 16.24 24.54
C THR A 76 25.61 15.10 23.54
N GLY A 77 24.71 15.30 22.59
CA GLY A 77 24.43 14.23 21.64
C GLY A 77 25.62 13.96 20.71
N THR A 78 26.26 15.02 20.23
CA THR A 78 27.47 14.83 19.37
C THR A 78 28.64 14.32 20.18
N LYS A 79 28.74 14.72 21.46
CA LYS A 79 29.84 14.21 22.28
C LYS A 79 29.65 12.69 22.49
N ALA A 80 28.41 12.28 22.75
CA ALA A 80 28.11 10.87 22.97
C ALA A 80 28.36 10.07 21.66
N ALA A 81 27.97 10.64 20.53
CA ALA A 81 28.25 10.00 19.23
C ALA A 81 29.76 9.77 19.10
N ALA A 82 30.54 10.80 19.40
CA ALA A 82 32.00 10.69 19.24
C ALA A 82 32.57 9.62 20.18
N PHE A 83 32.12 9.59 21.44
CA PHE A 83 32.61 8.52 22.31
C PHE A 83 32.28 7.14 21.73
N GLY A 84 31.16 7.08 20.96
CA GLY A 84 30.65 5.84 20.37
C GLY A 84 31.23 5.53 18.99
N GLY A 85 32.19 6.34 18.57
CA GLY A 85 32.92 6.09 17.27
C GLY A 85 32.24 6.67 16.06
N THR A 86 31.35 7.65 16.28
CA THR A 86 30.62 8.30 15.18
C THR A 86 31.12 9.74 15.06
N THR A 87 31.57 10.12 13.87
CA THR A 87 32.17 11.41 13.63
C THR A 87 31.29 12.43 12.83
N SER A 88 30.19 11.96 12.22
CA SER A 88 29.25 12.86 11.55
C SER A 88 27.86 12.37 11.83
N ILE A 89 26.90 13.29 11.92
CA ILE A 89 25.50 12.93 12.03
C ILE A 89 24.69 13.67 11.00
N VAL A 90 23.49 13.14 10.72
CA VAL A 90 22.56 13.88 9.89
C VAL A 90 21.25 13.87 10.62
N ASP A 91 20.86 15.07 11.08
CA ASP A 91 19.73 15.22 12.00
C ASP A 91 18.47 15.69 11.27
N PHE A 92 17.29 15.27 11.74
CA PHE A 92 16.03 15.71 11.13
C PHE A 92 15.54 17.09 11.57
N CYS A 93 15.59 18.02 10.63
CA CYS A 93 14.98 19.35 10.82
C CYS A 93 13.46 19.27 10.59
N LEU A 94 12.70 19.50 11.65
CA LEU A 94 11.25 19.36 11.55
C LEU A 94 10.62 20.66 11.07
N THR A 95 9.48 20.53 10.41
CA THR A 95 8.74 21.71 9.92
C THR A 95 7.28 21.63 10.37
N SER A 96 6.59 22.76 10.33
CA SER A 96 5.15 22.79 10.60
C SER A 96 4.42 23.44 9.43
N LYS A 97 3.19 23.02 9.18
CA LYS A 97 2.43 23.59 8.07
C LYS A 97 2.29 25.08 8.23
N GLY A 98 2.33 25.80 7.12
CA GLY A 98 2.20 27.25 7.14
C GLY A 98 3.47 28.00 7.51
N GLU A 99 4.50 27.28 7.98
CA GLU A 99 5.81 27.89 8.28
C GLU A 99 6.74 27.66 7.07
N SER A 100 7.54 28.64 6.69
CA SER A 100 8.47 28.40 5.57
C SER A 100 9.46 27.30 5.94
N LEU A 101 9.91 26.57 4.94
CA LEU A 101 10.97 25.57 5.15
C LEU A 101 12.24 26.27 5.63
N HIS A 102 12.54 27.46 5.09
CA HIS A 102 13.79 28.11 5.44
C HIS A 102 13.83 28.57 6.88
N SER A 103 12.68 28.92 7.45
CA SER A 103 12.65 29.30 8.86
C SER A 103 13.00 28.11 9.74
N ALA A 104 12.52 26.94 9.37
CA ALA A 104 12.81 25.72 10.18
C ALA A 104 14.30 25.43 10.07
N ILE A 105 14.84 25.54 8.86
CA ILE A 105 16.29 25.35 8.66
C ILE A 105 17.14 26.31 9.51
N ALA A 106 16.72 27.57 9.60
CA ALA A 106 17.45 28.53 10.47
C ALA A 106 17.39 28.13 11.94
N THR A 107 16.23 27.65 12.37
CA THR A 107 16.05 27.16 13.73
C THR A 107 16.98 26.00 14.06
N TRP A 108 17.10 25.06 13.12
CA TRP A 108 18.05 23.96 13.30
C TRP A 108 19.54 24.36 13.30
N HIS A 109 19.94 25.31 12.43
CA HIS A 109 21.30 25.80 12.51
C HIS A 109 21.57 26.43 13.88
N GLU A 110 20.57 27.09 14.44
CA GLU A 110 20.75 27.74 15.76
C GLU A 110 20.83 26.69 16.90
N LYS A 111 20.18 25.52 16.72
CA LYS A 111 20.37 24.43 17.68
C LYS A 111 21.81 23.93 17.68
N ALA A 112 22.43 23.87 16.50
CA ALA A 112 23.74 23.26 16.39
C ALA A 112 24.93 24.23 16.54
N ARG A 113 24.73 25.49 16.21
CA ARG A 113 25.88 26.39 15.99
C ARG A 113 26.56 26.65 17.34
N GLY A 114 27.87 26.43 17.39
CA GLY A 114 28.62 26.68 18.61
C GLY A 114 28.49 25.57 19.64
N LYS A 115 27.80 24.48 19.28
CA LYS A 115 27.51 23.43 20.27
C LYS A 115 28.00 22.04 19.80
N ALA A 116 27.82 21.71 18.52
CA ALA A 116 28.28 20.39 18.01
C ALA A 116 29.80 20.20 18.08
N VAL A 117 30.25 19.01 18.51
CA VAL A 117 31.68 18.73 18.67
C VAL A 117 32.19 17.93 17.48
N ILE A 118 31.27 17.45 16.67
CA ILE A 118 31.63 16.80 15.40
C ILE A 118 30.67 17.27 14.32
N ASP A 119 30.92 16.86 13.06
CA ASP A 119 30.26 17.47 11.94
C ASP A 119 28.82 16.98 11.78
N TYR A 120 27.98 17.78 11.12
CA TYR A 120 26.54 17.47 11.07
C TYR A 120 25.95 17.96 9.77
N GLY A 121 24.96 17.23 9.27
CA GLY A 121 24.13 17.74 8.23
C GLY A 121 22.71 17.72 8.73
N PHE A 122 21.79 18.22 7.90
CA PHE A 122 20.38 18.12 8.18
C PHE A 122 19.63 17.42 7.05
N HIS A 123 18.62 16.62 7.42
CA HIS A 123 17.50 16.29 6.50
C HIS A 123 16.37 17.31 6.74
N LEU A 124 15.39 17.37 5.84
CA LEU A 124 14.24 18.30 6.07
C LEU A 124 12.92 17.56 6.00
N MET A 125 12.12 17.66 7.07
CA MET A 125 10.74 17.13 7.08
C MET A 125 9.82 17.90 6.11
N VAL A 126 9.06 17.18 5.31
CA VAL A 126 7.99 17.83 4.47
C VAL A 126 6.64 17.40 5.05
N SER A 127 5.84 18.38 5.51
CA SER A 127 4.50 18.10 6.11
C SER A 127 3.44 18.22 5.04
N ASP A 128 3.70 19.06 4.03
CA ASP A 128 2.79 19.14 2.93
C ASP A 128 3.37 19.84 1.71
N ALA A 129 2.95 19.40 0.55
CA ALA A 129 3.68 19.74 -0.67
C ALA A 129 2.88 20.78 -1.51
N ASN A 130 2.38 21.80 -0.83
CA ASN A 130 1.75 22.93 -1.51
C ASN A 130 2.75 23.64 -2.45
N ASP A 131 2.25 24.39 -3.42
CA ASP A 131 3.13 24.93 -4.46
C ASP A 131 4.27 25.80 -3.91
N HIS A 132 4.02 26.53 -2.84
CA HIS A 132 5.06 27.37 -2.25
C HIS A 132 6.21 26.51 -1.70
N VAL A 133 5.84 25.45 -0.99
CA VAL A 133 6.82 24.49 -0.50
C VAL A 133 7.64 23.90 -1.65
N LEU A 134 6.95 23.51 -2.70
CA LEU A 134 7.64 22.89 -3.83
C LEU A 134 8.64 23.87 -4.44
N GLU A 135 8.24 25.14 -4.51
CA GLU A 135 9.14 26.17 -5.06
C GLU A 135 10.34 26.38 -4.15
N GLU A 136 10.09 26.37 -2.85
CA GLU A 136 11.12 26.60 -1.86
C GLU A 136 12.19 25.52 -1.87
N LEU A 137 11.81 24.30 -2.24
CA LEU A 137 12.76 23.16 -2.20
C LEU A 137 13.95 23.36 -3.12
N GLU A 138 13.80 24.19 -4.17
CA GLU A 138 14.94 24.37 -5.07
C GLU A 138 16.18 24.94 -4.39
N SER A 139 16.02 26.02 -3.63
CA SER A 139 17.21 26.55 -2.92
C SER A 139 17.55 25.70 -1.72
N VAL A 140 16.56 25.01 -1.16
CA VAL A 140 16.89 24.07 -0.06
C VAL A 140 17.91 23.05 -0.55
N VAL A 141 17.61 22.41 -1.69
CA VAL A 141 18.47 21.36 -2.22
C VAL A 141 19.80 21.93 -2.75
N ASN A 142 19.71 22.99 -3.55
CA ASN A 142 20.90 23.47 -4.28
C ASN A 142 21.83 24.36 -3.45
N ASN A 143 21.25 25.12 -2.51
CA ASN A 143 22.00 26.18 -1.78
C ASN A 143 22.20 25.80 -0.33
N GLU A 144 21.20 25.19 0.30
CA GLU A 144 21.33 24.89 1.72
C GLU A 144 22.00 23.55 1.88
N GLY A 145 22.13 22.80 0.78
CA GLY A 145 22.81 21.50 0.83
C GLY A 145 22.02 20.48 1.61
N ILE A 146 20.69 20.61 1.57
CA ILE A 146 19.84 19.57 2.23
C ILE A 146 19.18 18.75 1.15
N THR A 147 19.67 17.53 0.93
CA THR A 147 19.34 16.80 -0.28
C THR A 147 18.65 15.49 0.09
N SER A 148 18.10 15.45 1.29
CA SER A 148 17.21 14.35 1.69
C SER A 148 16.01 14.97 2.39
N LEU A 149 14.82 14.47 2.07
CA LEU A 149 13.52 15.05 2.53
C LEU A 149 12.74 13.91 3.21
N VAL A 151 9.40 12.20 4.95
CA VAL A 151 7.97 12.24 5.03
C VAL A 151 7.57 11.19 6.05
N PHE A 152 6.76 11.62 7.02
CA PHE A 152 6.27 10.72 8.06
C PHE A 152 4.90 10.17 7.65
N MET A 153 4.74 8.85 7.66
CA MET A 153 3.47 8.25 7.21
C MET A 153 2.64 7.88 8.42
N ALA A 154 3.22 8.03 9.61
CA ALA A 154 2.50 7.83 10.86
C ALA A 154 2.56 9.10 11.72
N TYR A 155 2.19 8.97 13.01
CA TYR A 155 2.05 10.13 13.92
C TYR A 155 0.96 11.09 13.47
N LYS A 156 -0.23 10.54 13.27
CA LYS A 156 -1.39 11.36 12.86
C LYS A 156 -1.60 12.62 13.73
N ASN A 157 -1.89 13.73 13.07
CA ASN A 157 -2.14 15.00 13.74
C ASN A 157 -0.91 15.60 14.40
N VAL A 158 0.26 14.98 14.20
CA VAL A 158 1.51 15.55 14.70
C VAL A 158 2.50 15.76 13.52
N LEU A 159 2.96 14.65 12.93
CA LEU A 159 3.98 14.71 11.83
C LEU A 159 3.45 14.15 10.53
N MET A 160 2.33 13.44 10.58
CA MET A 160 1.86 12.67 9.44
C MET A 160 1.53 13.47 8.18
N ALA A 161 2.00 12.96 7.04
CA ALA A 161 1.65 13.45 5.70
C ALA A 161 0.88 12.38 4.94
N ASP A 162 0.22 12.79 3.88
CA ASP A 162 -0.64 11.87 3.13
C ASP A 162 -0.03 11.51 1.77
N ASP A 163 -0.75 10.70 1.00
CA ASP A 163 -0.26 10.22 -0.27
C ASP A 163 -0.03 11.34 -1.27
N GLU A 164 -0.92 12.32 -1.28
CA GLU A 164 -0.66 13.51 -2.12
C GLU A 164 0.68 14.19 -1.78
N THR A 165 0.96 14.39 -0.51
CA THR A 165 2.23 14.99 -0.11
C THR A 165 3.41 14.11 -0.51
N LEU A 166 3.30 12.82 -0.26
CA LEU A 166 4.44 11.93 -0.50
C LEU A 166 4.69 11.82 -1.99
N PHE A 167 3.64 11.71 -2.80
CA PHE A 167 3.86 11.55 -4.26
C PHE A 167 4.44 12.83 -4.90
N LYS A 168 3.86 13.98 -4.57
CA LYS A 168 4.38 15.27 -5.01
C LYS A 168 5.84 15.48 -4.59
N THR A 169 6.17 15.05 -3.36
CA THR A 169 7.51 15.26 -2.84
C THR A 169 8.48 14.38 -3.63
N LEU A 170 8.04 13.18 -3.95
CA LEU A 170 8.91 12.24 -4.75
C LEU A 170 9.15 12.77 -6.17
N ILE A 171 8.11 13.34 -6.76
CA ILE A 171 8.25 13.92 -8.12
C ILE A 171 9.20 15.09 -8.10
N ARG A 172 9.02 15.96 -7.14
CA ARG A 172 9.87 17.14 -7.02
C ARG A 172 11.30 16.73 -6.68
N ALA A 173 11.45 15.78 -5.75
CA ALA A 173 12.77 15.26 -5.41
C ALA A 173 13.52 14.67 -6.62
N LYS A 174 12.81 13.93 -7.47
CA LYS A 174 13.46 13.42 -8.67
C LYS A 174 13.96 14.58 -9.54
N GLU A 175 13.14 15.62 -9.65
CA GLU A 175 13.53 16.78 -10.47
C GLU A 175 14.82 17.43 -9.92
N LEU A 176 14.93 17.50 -8.58
CA LEU A 176 15.96 18.32 -7.93
C LEU A 176 17.18 17.51 -7.53
N GLY A 177 17.06 16.18 -7.61
CA GLY A 177 18.13 15.32 -7.14
C GLY A 177 18.16 15.13 -5.62
N ALA A 178 16.97 15.02 -5.01
CA ALA A 178 16.91 14.71 -3.59
C ALA A 178 16.52 13.27 -3.38
N LEU A 179 16.93 12.74 -2.23
CA LEU A 179 16.50 11.40 -1.77
C LEU A 179 15.32 11.61 -0.81
N VAL A 180 14.24 10.85 -0.99
CA VAL A 180 13.07 10.95 -0.08
C VAL A 180 13.19 9.80 0.93
N GLN A 181 13.15 10.17 2.21
CA GLN A 181 13.13 9.23 3.33
C GLN A 181 11.69 9.07 3.78
N VAL A 182 11.29 7.84 4.13
CA VAL A 182 10.00 7.69 4.81
C VAL A 182 10.13 7.02 6.16
N HIS A 183 9.31 7.48 7.11
CA HIS A 183 8.91 6.68 8.29
C HIS A 183 7.64 5.92 7.85
N ALA A 184 7.78 4.61 7.64
CA ALA A 184 6.71 3.86 6.95
C ALA A 184 5.93 3.00 7.96
N GLU A 185 4.92 3.58 8.58
CA GLU A 185 3.84 2.78 9.24
C GLU A 185 2.54 3.44 8.81
N ASN A 186 1.47 2.63 8.72
CA ASN A 186 0.18 3.26 8.34
C ASN A 186 -0.39 4.02 9.54
N GLY A 187 -0.32 5.34 9.49
CA GLY A 187 -0.75 6.13 10.64
C GLY A 187 -2.24 6.02 10.95
N ASP A 188 -3.06 5.74 9.95
CA ASP A 188 -4.52 5.65 10.22
C ASP A 188 -4.88 4.35 10.91
N VAL A 189 -4.24 3.27 10.49
CA VAL A 189 -4.43 1.99 11.18
C VAL A 189 -3.97 2.15 12.61
N LEU A 190 -2.78 2.75 12.81
CA LEU A 190 -2.24 2.92 14.18
C LEU A 190 -3.16 3.80 15.07
N ASP A 191 -3.64 4.90 14.50
CA ASP A 191 -4.51 5.83 15.28
C ASP A 191 -5.76 5.08 15.81
N TYR A 192 -6.33 4.21 14.96
CA TYR A 192 -7.56 3.48 15.33
C TYR A 192 -7.23 2.45 16.38
N LEU A 193 -6.15 1.69 16.16
CA LEU A 193 -5.76 0.66 17.15
C LEU A 193 -5.42 1.22 18.52
N THR A 194 -4.71 2.35 18.57
CA THR A 194 -4.32 2.88 19.88
C THR A 194 -5.55 3.37 20.64
N LYS A 195 -6.50 3.94 19.91
CA LYS A 195 -7.74 4.40 20.52
C LYS A 195 -8.60 3.26 21.04
N GLN A 196 -8.64 2.18 20.29
CA GLN A 196 -9.35 0.97 20.70
C GLN A 196 -8.69 0.37 21.94
N ALA A 197 -7.36 0.37 21.96
CA ALA A 197 -6.65 -0.21 23.10
C ALA A 197 -7.03 0.54 24.37
N LEU A 198 -7.02 1.86 24.28
CA LEU A 198 -7.25 2.70 25.45
C LEU A 198 -8.71 2.56 25.91
N ALA A 199 -9.62 2.46 24.95
CA ALA A 199 -11.04 2.21 25.25
C ALA A 199 -11.25 0.92 26.01
N GLU A 200 -10.37 -0.04 25.81
CA GLU A 200 -10.51 -1.34 26.47
C GLU A 200 -9.74 -1.40 27.79
N GLY A 201 -9.15 -0.27 28.18
CA GLY A 201 -8.37 -0.19 29.42
C GLY A 201 -6.94 -0.74 29.28
N ASN A 202 -6.49 -0.95 28.05
CA ASN A 202 -5.15 -1.48 27.80
C ASN A 202 -4.14 -0.35 27.68
N THR A 203 -3.47 -0.03 28.77
CA THR A 203 -2.74 1.22 28.84
C THR A 203 -1.26 1.04 29.09
N ASP A 204 -0.83 -0.19 29.42
CA ASP A 204 0.56 -0.51 29.74
C ASP A 204 1.47 -0.33 28.49
N PRO A 205 2.77 -0.13 28.71
CA PRO A 205 3.77 0.04 27.61
C PRO A 205 3.69 -1.03 26.52
N ILE A 206 3.40 -2.30 26.88
CA ILE A 206 3.36 -3.34 25.84
C ILE A 206 2.33 -3.04 24.74
N TYR A 207 1.27 -2.31 25.04
CA TYR A 207 0.26 -2.02 23.99
C TYR A 207 0.80 -1.01 22.97
N HIS A 208 1.93 -0.38 23.27
CA HIS A 208 2.61 0.43 22.23
C HIS A 208 3.00 -0.46 21.04
N ALA A 209 3.41 -1.70 21.32
CA ALA A 209 3.74 -2.60 20.23
C ALA A 209 2.50 -3.18 19.59
N TYR A 210 1.58 -3.67 20.44
CA TYR A 210 0.43 -4.37 19.91
C TYR A 210 -0.43 -3.52 18.99
N THR A 211 -0.37 -2.20 19.16
CA THR A 211 -1.21 -1.30 18.38
C THR A 211 -0.49 -0.82 17.09
N ARG A 212 0.75 -1.28 16.90
CA ARG A 212 1.47 -1.02 15.63
C ARG A 212 1.99 -2.30 14.98
N PRO A 213 1.09 -3.18 14.48
CA PRO A 213 1.58 -4.49 14.03
C PRO A 213 2.47 -4.40 12.81
N PRO A 214 3.30 -5.42 12.60
CA PRO A 214 4.28 -5.32 11.49
C PRO A 214 3.63 -5.15 10.13
N GLU A 215 2.42 -5.72 9.96
CA GLU A 215 1.69 -5.56 8.71
C GLU A 215 1.47 -4.09 8.36
N ALA A 216 1.35 -3.23 9.38
CA ALA A 216 1.13 -1.78 9.17
C ALA A 216 2.40 -1.10 8.62
N GLU A 217 3.56 -1.60 9.09
CA GLU A 217 4.85 -1.12 8.59
C GLU A 217 5.03 -1.67 7.20
N GLY A 218 4.70 -2.94 7.00
CA GLY A 218 4.81 -3.52 5.65
C GLY A 218 3.96 -2.72 4.66
N GLU A 219 2.71 -2.46 5.03
CA GLU A 219 1.81 -1.77 4.10
C GLU A 219 2.36 -0.39 3.68
N ALA A 220 2.79 0.38 4.65
CA ALA A 220 3.27 1.74 4.33
C ALA A 220 4.57 1.67 3.55
N THR A 221 5.42 0.69 3.88
CA THR A 221 6.66 0.48 3.09
C THR A 221 6.27 0.22 1.64
N GLY A 222 5.36 -0.72 1.42
CA GLY A 222 4.95 -1.02 0.03
C GLY A 222 4.34 0.18 -0.70
N ARG A 223 3.54 0.95 0.04
CA ARG A 223 2.90 2.15 -0.53
C ARG A 223 3.97 3.16 -0.93
N ALA A 224 4.95 3.39 -0.05
CA ALA A 224 5.99 4.37 -0.40
C ALA A 224 6.79 3.86 -1.62
N ILE A 225 6.98 2.54 -1.70
CA ILE A 225 7.73 1.97 -2.81
C ILE A 225 6.96 2.12 -4.13
N ALA A 226 5.65 1.89 -4.11
CA ALA A 226 4.85 2.01 -5.32
C ALA A 226 4.85 3.46 -5.84
N LEU A 227 4.72 4.40 -4.93
CA LEU A 227 4.66 5.82 -5.33
C LEU A 227 6.03 6.24 -5.84
N THR A 228 7.10 5.69 -5.26
CA THR A 228 8.45 5.93 -5.78
C THR A 228 8.61 5.41 -7.22
N ALA A 229 8.19 4.17 -7.49
CA ALA A 229 8.23 3.66 -8.85
C ALA A 229 7.41 4.51 -9.83
N LEU A 230 6.21 4.91 -9.42
CA LEU A 230 5.27 5.79 -10.23
C LEU A 230 5.86 7.19 -10.50
N ALA A 231 6.76 7.62 -9.61
CA ALA A 231 7.50 8.87 -9.80
C ALA A 231 8.86 8.70 -10.48
N ASP A 232 9.31 7.45 -10.63
CA ASP A 232 10.68 7.15 -11.06
C ASP A 232 11.75 7.80 -10.15
N ALA A 233 11.50 7.80 -8.86
CA ALA A 233 12.30 8.61 -7.93
C ALA A 233 13.23 7.71 -7.12
N GLN A 234 13.76 8.21 -6.01
CA GLN A 234 14.63 7.36 -5.18
C GLN A 234 14.19 7.46 -3.72
N LEU A 235 14.13 6.30 -3.03
CA LEU A 235 13.45 6.21 -1.74
C LEU A 235 14.41 5.61 -0.74
N TYR A 236 14.40 6.12 0.47
CA TYR A 236 15.18 5.56 1.57
C TYR A 236 14.25 5.29 2.74
N VAL A 237 14.04 4.03 3.06
CA VAL A 237 13.11 3.65 4.12
C VAL A 237 13.88 3.63 5.43
N VAL A 238 13.53 4.51 6.39
CA VAL A 238 14.31 4.58 7.63
C VAL A 238 13.79 3.47 8.57
N HIS A 239 14.63 3.10 9.54
CA HIS A 239 14.29 2.09 10.55
C HIS A 239 13.37 0.98 10.03
N VAL A 240 13.88 0.16 9.11
CA VAL A 240 13.18 -1.08 8.73
C VAL A 240 13.29 -2.08 9.91
N SER A 241 12.14 -2.56 10.45
CA SER A 241 12.23 -3.35 11.68
C SER A 241 11.81 -4.79 11.51
N CYS A 242 11.17 -5.09 10.38
CA CYS A 242 10.50 -6.38 10.28
C CYS A 242 10.59 -7.02 8.92
N ALA A 243 10.44 -8.35 8.92
CA ALA A 243 10.57 -9.14 7.70
C ALA A 243 9.56 -8.72 6.63
N ASP A 244 8.37 -8.31 7.04
CA ASP A 244 7.35 -7.88 6.06
C ASP A 244 7.93 -6.73 5.21
N ALA A 245 8.57 -5.78 5.86
CA ALA A 245 9.16 -4.64 5.14
C ALA A 245 10.38 -5.05 4.34
N VAL A 246 11.23 -5.89 4.93
CA VAL A 246 12.41 -6.38 4.19
C VAL A 246 12.00 -7.05 2.87
N ARG A 247 10.99 -7.90 2.92
CA ARG A 247 10.53 -8.61 1.71
C ARG A 247 10.13 -7.63 0.60
N ARG A 248 9.41 -6.57 0.98
CA ARG A 248 8.94 -5.57 0.02
C ARG A 248 10.10 -4.79 -0.61
N ILE A 249 11.08 -4.46 0.22
CA ILE A 249 12.27 -3.73 -0.25
C ILE A 249 13.06 -4.64 -1.18
N ALA A 250 13.20 -5.91 -0.78
CA ALA A 250 13.91 -6.85 -1.68
C ALA A 250 13.23 -7.04 -3.02
N GLU A 251 11.91 -7.16 -3.03
CA GLU A 251 11.16 -7.25 -4.31
C GLU A 251 11.33 -6.01 -5.16
N ALA A 252 11.25 -4.82 -4.54
CA ALA A 252 11.43 -3.56 -5.27
C ALA A 252 12.84 -3.50 -5.90
N ARG A 253 13.85 -3.94 -5.16
CA ARG A 253 15.22 -3.81 -5.67
C ARG A 253 15.44 -4.83 -6.83
N GLU A 254 14.78 -5.98 -6.78
CA GLU A 254 14.92 -6.94 -7.89
C GLU A 254 14.31 -6.39 -9.16
N LYS A 255 13.34 -5.49 -9.03
CA LYS A 255 12.79 -4.81 -10.22
C LYS A 255 13.66 -3.67 -10.72
N GLY A 256 14.74 -3.39 -9.99
CA GLY A 256 15.71 -2.36 -10.36
C GLY A 256 15.26 -0.97 -9.93
N TRP A 257 14.26 -0.92 -9.03
CA TRP A 257 13.89 0.38 -8.51
C TRP A 257 14.92 0.90 -7.53
N ASN A 258 14.99 2.23 -7.42
CA ASN A 258 16.02 2.87 -6.58
C ASN A 258 15.50 3.06 -5.16
N VAL A 259 15.40 1.92 -4.46
CA VAL A 259 14.85 1.85 -3.12
C VAL A 259 15.95 1.33 -2.22
N TYR A 260 16.21 2.08 -1.14
CA TYR A 260 17.26 1.76 -0.16
C TYR A 260 16.63 1.63 1.19
N GLY A 261 17.29 0.88 2.09
CA GLY A 261 16.76 0.67 3.45
C GLY A 261 17.82 0.77 4.54
N GLU A 262 17.37 1.28 5.69
CA GLU A 262 18.18 1.45 6.87
C GLU A 262 17.62 0.53 7.95
N THR A 263 18.49 0.00 8.84
CA THR A 263 17.92 -0.52 10.11
C THR A 263 18.72 0.07 11.28
N CYS A 264 18.41 -0.34 12.50
CA CYS A 264 18.93 0.32 13.69
C CYS A 264 19.30 -0.76 14.69
N PRO A 265 20.24 -0.47 15.61
CA PRO A 265 20.72 -1.50 16.51
C PRO A 265 19.57 -2.10 17.35
N GLN A 266 18.62 -1.26 17.77
CA GLN A 266 17.50 -1.76 18.62
C GLN A 266 16.68 -2.86 17.95
N TYR A 267 16.60 -2.83 16.62
CA TYR A 267 15.79 -3.86 15.93
C TYR A 267 16.61 -5.11 15.66
N LEU A 268 17.94 -5.00 15.77
CA LEU A 268 18.85 -6.13 15.59
C LEU A 268 19.01 -7.00 16.84
N VAL A 269 18.97 -6.38 18.03
CA VAL A 269 19.43 -7.02 19.24
C VAL A 269 18.37 -6.97 20.35
N LEU A 270 17.31 -6.20 20.16
CA LEU A 270 16.20 -6.15 21.14
C LEU A 270 14.90 -6.62 20.54
N ASP A 271 14.00 -7.15 21.39
CA ASP A 271 12.76 -7.73 20.88
C ASP A 271 11.56 -7.33 21.73
N ILE A 272 10.35 -7.61 21.22
CA ILE A 272 9.11 -7.04 21.71
C ILE A 272 8.95 -7.41 23.21
N THR A 273 9.57 -8.51 23.66
CA THR A 273 9.45 -8.84 25.09
C THR A 273 10.00 -7.77 26.06
N ALA A 274 10.90 -6.91 25.60
CA ALA A 274 11.48 -5.88 26.49
C ALA A 274 10.35 -4.94 26.99
N LEU A 275 9.29 -4.81 26.20
CA LEU A 275 8.25 -3.85 26.54
C LEU A 275 7.39 -4.38 27.68
N GLU A 276 7.56 -5.68 27.97
CA GLU A 276 6.76 -6.32 29.04
C GLU A 276 7.39 -6.15 30.40
N LYS A 277 8.57 -5.53 30.45
CA LYS A 277 9.26 -5.42 31.76
C LYS A 277 8.37 -4.66 32.73
N PRO A 278 8.22 -5.20 33.96
CA PRO A 278 7.24 -4.65 34.89
C PRO A 278 7.67 -3.31 35.55
N ASP A 279 6.77 -2.71 36.33
CA ASP A 279 7.11 -1.52 37.11
C ASP A 279 7.39 -0.35 36.16
N PHE A 280 6.70 -0.36 35.02
CA PHE A 280 6.83 0.68 33.98
C PHE A 280 8.14 0.60 33.22
N GLU A 281 8.99 -0.39 33.52
CA GLU A 281 10.34 -0.45 32.88
C GLU A 281 10.23 -0.57 31.36
N GLY A 282 9.11 -1.16 30.93
CA GLY A 282 8.80 -1.33 29.51
C GLY A 282 8.84 0.01 28.75
N ALA A 283 8.53 1.12 29.45
CA ALA A 283 8.48 2.45 28.78
C ALA A 283 9.85 2.87 28.27
N LYS A 284 10.91 2.34 28.88
CA LYS A 284 12.28 2.56 28.36
C LYS A 284 12.45 2.11 26.90
N TYR A 285 11.63 1.15 26.48
CA TYR A 285 11.78 0.53 25.14
C TYR A 285 10.71 0.97 24.17
N VAL A 286 9.98 2.04 24.53
CA VAL A 286 8.90 2.54 23.67
C VAL A 286 9.49 3.55 22.64
N TRP A 287 9.46 3.12 21.38
CA TRP A 287 9.91 3.91 20.21
C TRP A 287 9.21 3.25 19.03
N SER A 288 9.22 3.90 17.86
CA SER A 288 8.36 3.42 16.76
C SER A 288 9.21 3.36 15.51
N PRO A 289 9.00 2.35 14.66
CA PRO A 289 8.18 1.16 14.85
C PRO A 289 8.58 0.43 16.08
N PRO A 290 7.63 -0.34 16.65
CA PRO A 290 7.95 -0.96 17.95
C PRO A 290 8.94 -2.11 17.78
N LEU A 291 9.52 -2.54 18.87
CA LEU A 291 10.29 -3.79 18.90
C LEU A 291 9.39 -4.95 18.45
N ARG A 292 10.02 -5.96 17.82
CA ARG A 292 9.32 -7.01 17.06
C ARG A 292 9.62 -8.37 17.69
N GLU A 293 8.86 -9.37 17.28
CA GLU A 293 9.16 -10.76 17.66
C GLU A 293 10.60 -11.06 17.25
N LYS A 294 11.33 -11.77 18.08
CA LYS A 294 12.77 -11.85 17.95
C LYS A 294 13.19 -12.45 16.58
N TRP A 295 12.37 -13.34 16.03
CA TRP A 295 12.74 -13.95 14.72
C TRP A 295 13.00 -12.91 13.62
N ASN A 296 12.41 -11.71 13.74
CA ASN A 296 12.66 -10.66 12.74
C ASN A 296 14.14 -10.25 12.67
N GLN A 297 14.86 -10.38 13.79
CA GLN A 297 16.24 -9.86 13.85
C GLN A 297 17.06 -10.54 12.80
N ASP A 298 16.97 -11.87 12.71
CA ASP A 298 17.87 -12.55 11.75
C ASP A 298 17.57 -12.22 10.29
N VAL A 299 16.30 -11.93 10.01
CA VAL A 299 15.93 -11.46 8.67
C VAL A 299 16.60 -10.09 8.38
N LEU A 300 16.62 -9.19 9.37
CA LEU A 300 17.39 -7.92 9.22
C LEU A 300 18.91 -8.14 9.01
N TRP A 301 19.51 -9.04 9.79
CA TRP A 301 20.92 -9.31 9.64
C TRP A 301 21.19 -9.89 8.26
N SER A 302 20.34 -10.82 7.83
CA SER A 302 20.46 -11.40 6.45
C SER A 302 20.40 -10.30 5.39
N ALA A 303 19.51 -9.34 5.60
CA ALA A 303 19.29 -8.30 4.59
C ALA A 303 20.53 -7.40 4.53
N LEU A 304 21.13 -7.11 5.68
CA LEU A 304 22.42 -6.35 5.67
C LEU A 304 23.53 -7.18 4.99
N LYS A 305 23.66 -8.45 5.37
CA LYS A 305 24.69 -9.32 4.77
C LYS A 305 24.56 -9.40 3.23
N ASN A 306 23.32 -9.50 2.77
CA ASN A 306 23.10 -9.66 1.33
C ASN A 306 22.68 -8.41 0.58
N GLY A 307 22.87 -7.24 1.21
CA GLY A 307 22.82 -5.93 0.49
C GLY A 307 21.42 -5.41 0.21
N ILE A 308 20.41 -6.04 0.80
CA ILE A 308 19.01 -5.60 0.66
C ILE A 308 18.70 -4.34 1.55
N LEU A 309 19.33 -4.28 2.72
CA LEU A 309 19.44 -3.03 3.52
C LEU A 309 20.87 -2.53 3.44
N GLN A 310 21.05 -1.22 3.34
CA GLN A 310 22.41 -0.66 3.03
C GLN A 310 23.07 0.09 4.19
N THR A 311 22.31 0.49 5.20
CA THR A 311 22.84 1.39 6.24
C THR A 311 22.28 1.04 7.63
N VAL A 312 23.00 1.50 8.65
CA VAL A 312 22.46 1.43 10.04
C VAL A 312 22.53 2.81 10.66
N GLY A 313 21.38 3.31 11.07
CA GLY A 313 21.33 4.57 11.80
C GLY A 313 20.82 4.27 13.21
N SER A 314 20.88 5.25 14.11
CA SER A 314 20.47 4.98 15.52
C SER A 314 18.98 5.30 15.76
N ASP A 315 18.43 6.31 15.07
CA ASP A 315 17.13 6.94 15.50
C ASP A 315 17.29 7.40 16.97
N HIS A 316 18.42 8.01 17.25
CA HIS A 316 18.67 8.51 18.64
C HIS A 316 17.61 9.57 18.95
N CYS A 317 16.80 9.32 19.98
CA CYS A 317 15.67 10.21 20.24
C CYS A 317 15.39 10.05 21.78
N PRO A 318 16.35 10.48 22.61
CA PRO A 318 16.36 10.06 24.03
C PRO A 318 15.40 10.86 24.91
N PHE A 319 14.76 10.16 25.84
CA PHE A 319 13.98 10.81 26.91
C PHE A 319 14.32 10.07 28.19
N ASN A 320 14.57 10.81 29.27
CA ASN A 320 14.77 10.18 30.56
C ASN A 320 13.59 9.31 30.96
N PHE A 321 13.90 8.22 31.64
CA PHE A 321 12.89 7.37 32.22
C PHE A 321 12.13 8.15 33.30
N SER A 322 12.86 8.81 34.17
CA SER A 322 12.23 9.64 35.19
C SER A 322 11.73 10.96 34.57
N GLY A 323 10.48 11.29 34.84
CA GLY A 323 9.93 12.54 34.38
C GLY A 323 9.38 12.44 32.96
N GLN A 324 10.26 12.12 31.99
CA GLN A 324 9.86 12.24 30.61
C GLN A 324 9.10 11.00 30.17
N LYS A 325 9.70 9.81 30.30
CA LYS A 325 8.94 8.64 29.91
C LYS A 325 7.66 8.53 30.79
N GLU A 326 7.78 9.02 32.02
CA GLU A 326 6.64 9.00 32.99
C GLU A 326 5.45 9.86 32.59
N LEU A 327 5.61 10.72 31.59
CA LEU A 327 4.44 11.38 31.05
C LEU A 327 3.42 10.33 30.60
N GLY A 328 3.88 9.12 30.31
CA GLY A 328 2.97 8.06 29.83
C GLY A 328 2.49 7.03 30.86
N ARG A 329 2.77 7.25 32.14
CA ARG A 329 2.19 6.37 33.16
C ARG A 329 0.68 6.40 32.99
N ARG A 330 0.10 5.21 32.90
CA ARG A 330 -1.33 5.07 32.74
C ARG A 330 -1.84 5.26 31.35
N ASP A 331 -0.97 5.64 30.40
CA ASP A 331 -1.48 5.87 29.02
C ASP A 331 -0.31 5.80 28.04
N PHE A 332 -0.07 4.62 27.46
CA PHE A 332 1.15 4.40 26.66
C PHE A 332 1.24 5.37 25.49
N THR A 333 0.09 5.94 25.06
CA THR A 333 0.11 6.88 23.94
C THR A 333 0.80 8.20 24.29
N LYS A 334 0.98 8.46 25.58
CA LYS A 334 1.67 9.67 26.01
C LYS A 334 3.11 9.45 26.44
N ILE A 335 3.62 8.24 26.25
CA ILE A 335 5.05 8.00 26.53
C ILE A 335 5.81 8.60 25.33
N PRO A 336 6.69 9.59 25.56
CA PRO A 336 7.42 10.15 24.43
C PRO A 336 8.22 9.04 23.75
N ASN A 337 8.06 8.90 22.44
CA ASN A 337 8.62 7.75 21.70
C ASN A 337 10.09 8.02 21.33
N GLY A 338 10.98 7.09 21.63
CA GLY A 338 12.40 7.23 21.25
C GLY A 338 13.34 6.55 22.20
N GLY A 339 14.47 6.08 21.69
CA GLY A 339 15.50 5.46 22.56
C GLY A 339 16.86 6.14 22.52
N PRO A 340 17.74 5.85 23.52
CA PRO A 340 19.09 6.38 23.54
C PRO A 340 20.03 5.41 22.88
N ILE A 341 20.29 5.65 21.60
CA ILE A 341 20.92 4.67 20.75
C ILE A 341 22.25 5.20 20.12
N ILE A 342 22.49 6.51 20.17
CA ILE A 342 23.59 7.06 19.36
C ILE A 342 24.97 6.48 19.74
N GLU A 343 25.18 6.23 21.03
CA GLU A 343 26.51 5.95 21.47
C GLU A 343 26.95 4.51 21.20
N ASP A 344 25.99 3.60 21.17
CA ASP A 344 26.35 2.16 21.10
C ASP A 344 26.22 1.55 19.72
N ARG A 345 25.83 2.39 18.74
CA ARG A 345 25.56 1.88 17.37
C ARG A 345 26.79 1.12 16.81
N MET A 346 27.96 1.76 16.80
CA MET A 346 29.15 1.15 16.15
C MET A 346 29.53 -0.16 16.88
N THR A 347 29.65 -0.09 18.22
CA THR A 347 30.12 -1.26 18.97
C THR A 347 29.17 -2.46 18.89
N ILE A 348 27.87 -2.21 18.93
CA ILE A 348 26.89 -3.29 18.77
C ILE A 348 27.00 -3.95 17.41
N LEU A 349 27.10 -3.15 16.37
CA LEU A 349 27.24 -3.71 15.01
C LEU A 349 28.54 -4.54 14.89
N PHE A 350 29.60 -4.08 15.52
CA PHE A 350 30.86 -4.86 15.47
C PHE A 350 30.67 -6.16 16.28
N SER A 351 30.19 -6.01 17.50
CA SER A 351 30.22 -7.14 18.44
C SER A 351 29.15 -8.18 18.11
N GLU A 352 27.94 -7.75 17.76
CA GLU A 352 26.90 -8.70 17.46
C GLU A 352 26.92 -9.07 16.00
N GLY A 353 27.50 -8.17 15.16
CA GLY A 353 27.44 -8.40 13.70
C GLY A 353 28.73 -9.06 13.19
N VAL A 354 29.84 -8.34 13.23
CA VAL A 354 31.09 -8.85 12.69
C VAL A 354 31.60 -10.07 13.46
N ARG A 355 31.62 -9.95 14.78
CA ARG A 355 32.21 -11.01 15.58
C ARG A 355 31.41 -12.32 15.53
N LYS A 356 30.12 -12.23 15.19
CA LYS A 356 29.27 -13.43 15.11
C LYS A 356 29.10 -13.89 13.66
N GLY A 357 29.86 -13.27 12.75
CA GLY A 357 29.84 -13.70 11.36
C GLY A 357 28.58 -13.33 10.60
N LYS A 358 27.79 -12.40 11.16
CA LYS A 358 26.59 -11.95 10.44
C LYS A 358 26.84 -11.01 9.30
N ILE A 359 27.88 -10.19 9.43
CA ILE A 359 28.32 -9.33 8.35
C ILE A 359 29.85 -9.39 8.39
N SER A 360 30.54 -8.98 7.31
CA SER A 360 32.01 -8.91 7.34
C SER A 360 32.50 -7.59 7.97
N LEU A 361 33.79 -7.55 8.33
CA LEU A 361 34.34 -6.31 8.89
C LEU A 361 34.25 -5.20 7.83
N ASN A 362 34.47 -5.54 6.52
CA ASN A 362 34.36 -4.49 5.50
C ASN A 362 32.90 -4.03 5.34
N GLN A 363 31.97 -4.98 5.39
CA GLN A 363 30.56 -4.59 5.36
C GLN A 363 30.17 -3.68 6.52
N PHE A 364 30.69 -3.96 7.72
CA PHE A 364 30.46 -3.13 8.93
C PHE A 364 30.84 -1.68 8.62
N VAL A 365 31.99 -1.45 7.97
CA VAL A 365 32.34 -0.09 7.61
C VAL A 365 31.36 0.50 6.59
N ASP A 366 30.99 -0.32 5.60
CA ASP A 366 30.12 0.18 4.54
C ASP A 366 28.78 0.64 5.12
N ILE A 367 28.24 -0.16 6.03
CA ILE A 367 26.90 0.09 6.54
C ILE A 367 26.87 1.19 7.57
N THR A 368 27.98 1.38 8.28
CA THR A 368 28.01 2.41 9.33
C THR A 368 28.59 3.75 8.88
N SER A 369 29.22 3.79 7.71
CA SER A 369 29.98 4.96 7.32
C SER A 369 29.93 5.21 5.80
N THR A 370 30.52 4.32 5.02
CA THR A 370 30.76 4.67 3.59
C THR A 370 29.47 4.74 2.77
N LYS A 371 28.62 3.73 2.90
CA LYS A 371 27.34 3.74 2.13
C LYS A 371 26.41 4.88 2.61
N VAL A 372 26.53 5.23 3.88
CA VAL A 372 25.76 6.35 4.41
C VAL A 372 26.26 7.66 3.75
N ALA A 373 27.60 7.85 3.64
CA ALA A 373 28.10 9.07 2.98
C ALA A 373 27.61 9.14 1.53
N LYS A 374 27.63 7.99 0.86
CA LYS A 374 27.29 7.96 -0.54
C LYS A 374 25.77 8.27 -0.79
N LEU A 375 24.91 7.70 0.03
CA LEU A 375 23.46 7.91 -0.17
C LEU A 375 23.09 9.33 0.23
N PHE A 376 23.83 9.93 1.17
CA PHE A 376 23.51 11.26 1.70
C PHE A 376 24.42 12.38 1.20
N GLY A 377 25.20 12.09 0.17
CA GLY A 377 25.87 13.21 -0.58
C GLY A 377 27.04 13.81 0.19
N MET A 378 27.74 12.97 0.95
CA MET A 378 28.86 13.44 1.80
C MET A 378 30.14 12.73 1.37
N PHE A 379 30.11 12.00 0.25
CA PHE A 379 31.27 11.16 -0.14
C PHE A 379 31.94 11.88 -1.31
N PRO A 380 33.29 11.88 -1.36
CA PRO A 380 34.22 11.18 -0.50
C PRO A 380 34.79 12.07 0.60
N GLN A 381 34.25 13.26 0.80
CA GLN A 381 34.74 14.11 1.93
C GLN A 381 34.69 13.29 3.25
N LYS A 382 33.58 12.60 3.44
CA LYS A 382 33.35 11.74 4.62
C LYS A 382 33.18 10.29 4.18
N GLY A 383 33.41 9.36 5.11
CA GLY A 383 32.90 7.99 4.96
C GLY A 383 34.00 7.05 4.56
N THR A 384 35.22 7.53 4.46
CA THR A 384 36.33 6.61 4.13
C THR A 384 37.67 7.03 4.74
N ILE A 385 38.67 6.19 4.52
CA ILE A 385 40.04 6.58 4.81
C ILE A 385 40.85 6.55 3.52
N ALA A 386 41.06 7.73 2.95
CA ALA A 386 41.73 7.83 1.65
C ALA A 386 42.34 9.20 1.53
N VAL A 387 43.39 9.30 0.71
CA VAL A 387 43.93 10.60 0.40
C VAL A 387 42.87 11.55 -0.10
N GLY A 388 42.88 12.74 0.49
CA GLY A 388 41.91 13.79 0.17
C GLY A 388 40.62 13.83 1.01
N SER A 389 40.37 12.77 1.77
CA SER A 389 39.20 12.69 2.66
C SER A 389 39.49 13.45 3.96
N ASP A 390 38.44 13.98 4.56
CA ASP A 390 38.60 14.56 5.93
C ASP A 390 39.16 13.45 6.82
N ALA A 391 40.05 13.82 7.74
CA ALA A 391 40.68 12.88 8.61
C ALA A 391 39.71 12.61 9.77
N ASP A 392 38.68 11.82 9.49
CA ASP A 392 37.64 11.50 10.46
C ASP A 392 37.81 9.99 10.69
N ILE A 393 38.54 9.67 11.76
CA ILE A 393 39.09 8.35 11.92
C ILE A 393 38.88 7.88 13.37
N VAL A 394 38.56 6.60 13.52
CA VAL A 394 38.40 5.99 14.84
C VAL A 394 39.51 4.98 15.05
N LEU A 395 40.19 5.05 16.21
CA LEU A 395 41.07 4.00 16.61
C LEU A 395 40.28 3.04 17.50
N PHE A 396 40.08 1.80 17.02
CA PHE A 396 39.13 0.87 17.63
C PHE A 396 39.87 -0.40 18.08
N ASP A 397 39.75 -0.74 19.36
CA ASP A 397 40.37 -1.95 19.90
C ASP A 397 39.38 -3.11 19.96
N PRO A 398 39.49 -4.06 19.02
CA PRO A 398 38.45 -5.09 18.87
C PRO A 398 38.49 -6.15 20.01
N THR A 399 39.53 -6.11 20.84
CA THR A 399 39.75 -7.21 21.84
C THR A 399 39.13 -6.93 23.22
N VAL A 400 38.83 -5.67 23.50
CA VAL A 400 38.37 -5.27 24.82
C VAL A 400 36.98 -5.80 25.09
N GLN A 401 36.82 -6.50 26.21
CA GLN A 401 35.48 -6.87 26.65
C GLN A 401 34.96 -5.85 27.61
N ARG A 402 33.69 -5.48 27.46
CA ARG A 402 33.11 -4.53 28.41
C ARG A 402 31.60 -4.70 28.48
N THR A 403 31.00 -4.09 29.49
CA THR A 403 29.55 -4.16 29.64
C THR A 403 28.97 -2.78 29.32
N ILE A 404 27.96 -2.72 28.48
CA ILE A 404 27.31 -1.43 28.23
C ILE A 404 26.54 -1.02 29.49
N SER A 405 26.67 0.24 29.89
CA SER A 405 25.97 0.70 31.07
C SER A 405 25.70 2.19 31.09
N VAL A 406 24.57 2.59 31.69
CA VAL A 406 24.32 4.01 32.00
C VAL A 406 25.44 4.58 32.87
N GLU A 407 26.10 3.72 33.66
CA GLU A 407 27.18 4.17 34.54
C GLU A 407 28.39 4.70 33.80
N THR A 408 28.56 4.29 32.54
CA THR A 408 29.78 4.65 31.81
C THR A 408 29.47 5.29 30.45
N HIS A 409 28.18 5.45 30.11
CA HIS A 409 27.83 6.11 28.84
C HIS A 409 27.92 7.66 28.93
N HIS A 410 27.79 8.33 27.80
CA HIS A 410 27.95 9.79 27.77
C HIS A 410 26.69 10.51 27.26
N MET A 411 25.66 9.74 26.89
CA MET A 411 24.37 10.34 26.51
C MET A 411 23.71 10.99 27.73
N ASN A 412 23.12 12.18 27.54
CA ASN A 412 22.54 12.87 28.67
C ASN A 412 21.15 12.29 28.97
N VAL A 413 21.11 11.05 29.49
CA VAL A 413 19.85 10.33 29.73
C VAL A 413 20.10 9.34 30.85
N ASP A 414 19.06 9.04 31.63
CA ASP A 414 19.24 8.27 32.88
C ASP A 414 19.15 6.77 32.73
N TYR A 415 19.15 6.25 31.50
CA TYR A 415 19.19 4.80 31.35
C TYR A 415 19.81 4.48 30.03
N ASN A 416 20.19 3.22 29.89
CA ASN A 416 20.66 2.72 28.59
C ASN A 416 19.88 1.46 28.27
N PRO A 417 19.24 1.42 27.09
CA PRO A 417 18.39 0.25 26.79
C PRO A 417 19.17 -1.04 26.59
N PHE A 418 20.49 -0.92 26.41
CA PHE A 418 21.37 -2.06 26.35
C PHE A 418 22.05 -2.39 27.68
N GLU A 419 21.54 -1.84 28.78
CA GLU A 419 22.11 -2.08 30.10
C GLU A 419 22.48 -3.54 30.32
N GLY A 420 23.72 -3.77 30.72
CA GLY A 420 24.21 -5.14 31.03
C GLY A 420 24.71 -5.93 29.84
N MET A 421 24.53 -5.39 28.62
CA MET A 421 24.98 -6.14 27.43
C MET A 421 26.48 -6.32 27.38
N GLN A 422 26.94 -7.55 27.25
CA GLN A 422 28.38 -7.78 27.06
C GLN A 422 28.76 -7.59 25.59
N VAL A 423 29.80 -6.81 25.35
CA VAL A 423 30.33 -6.63 23.98
C VAL A 423 31.82 -6.77 23.96
N HIS A 424 32.37 -7.03 22.77
CA HIS A 424 33.78 -6.76 22.53
C HIS A 424 33.92 -5.57 21.62
N GLY A 425 34.96 -4.80 21.84
CA GLY A 425 35.29 -3.64 21.01
C GLY A 425 35.17 -2.38 21.84
N ASP A 426 36.18 -1.53 21.77
CA ASP A 426 36.20 -0.29 22.55
C ASP A 426 36.73 0.82 21.61
N VAL A 427 36.01 1.94 21.57
CA VAL A 427 36.47 3.15 20.87
C VAL A 427 37.52 3.89 21.70
N ILE A 428 38.77 3.86 21.24
CA ILE A 428 39.86 4.41 22.04
C ILE A 428 40.05 5.90 21.77
N SER A 429 40.26 6.26 20.49
CA SER A 429 40.43 7.65 20.11
C SER A 429 39.63 7.97 18.85
N VAL A 430 39.23 9.23 18.71
CA VAL A 430 38.37 9.67 17.61
C VAL A 430 38.88 11.01 17.11
N LEU A 431 39.24 11.05 15.83
CA LEU A 431 39.61 12.33 15.19
C LEU A 431 38.48 12.80 14.30
N SER A 432 38.30 14.12 14.29
CA SER A 432 37.33 14.80 13.38
C SER A 432 38.09 15.90 12.63
N ARG A 433 38.19 15.79 11.30
CA ARG A 433 39.00 16.76 10.52
C ARG A 433 40.41 16.94 11.12
N GLY A 434 41.02 15.83 11.50
CA GLY A 434 42.42 15.79 11.92
C GLY A 434 42.67 16.25 13.37
N ALA A 435 41.61 16.71 14.06
CA ALA A 435 41.76 17.07 15.47
C ALA A 435 41.12 16.01 16.34
N PHE A 436 41.76 15.68 17.46
CA PHE A 436 41.18 14.71 18.38
C PHE A 436 39.92 15.27 19.02
N VAL A 437 38.89 14.42 19.10
CA VAL A 437 37.63 14.74 19.85
C VAL A 437 37.65 13.90 21.12
N VAL A 438 37.97 12.62 20.96
CA VAL A 438 38.21 11.72 22.07
C VAL A 438 39.64 11.18 21.92
N ARG A 439 40.40 11.16 23.01
CA ARG A 439 41.72 10.56 22.95
C ARG A 439 41.90 9.72 24.20
N ASN A 440 42.20 8.43 24.00
CA ASN A 440 42.26 7.48 25.11
C ASN A 440 41.05 7.59 26.04
N LYS A 441 39.87 7.60 25.43
CA LYS A 441 38.60 7.56 26.14
C LYS A 441 38.36 8.81 27.03
N GLN A 442 39.02 9.91 26.71
CA GLN A 442 38.76 11.19 27.39
C GLN A 442 38.36 12.24 26.36
N PHE A 443 37.45 13.13 26.73
CA PHE A 443 36.99 14.13 25.76
C PHE A 443 37.97 15.29 25.70
N VAL A 444 38.59 15.49 24.53
CA VAL A 444 39.58 16.55 24.33
C VAL A 444 39.17 17.56 23.24
N GLY A 445 37.95 17.39 22.72
CA GLY A 445 37.39 18.31 21.74
C GLY A 445 36.73 19.50 22.41
N HIS A 446 35.83 20.19 21.71
CA HIS A 446 35.12 21.32 22.33
C HIS A 446 33.81 21.64 21.67
N ALA A 447 32.89 22.16 22.47
CA ALA A 447 31.62 22.68 21.89
C ALA A 447 31.93 23.63 20.73
N GLY A 448 31.26 23.40 19.59
CA GLY A 448 31.42 24.27 18.42
C GLY A 448 32.57 23.91 17.48
N ALA A 449 33.33 22.87 17.81
CA ALA A 449 34.34 22.39 16.86
C ALA A 449 33.72 21.86 15.56
N GLY A 450 32.56 21.21 15.71
CA GLY A 450 31.85 20.59 14.60
C GLY A 450 31.37 21.60 13.60
N ARG A 451 31.34 21.20 12.33
CA ARG A 451 30.88 22.07 11.22
C ARG A 451 29.71 21.46 10.46
N TYR A 452 28.88 22.33 9.93
CA TYR A 452 27.73 21.92 9.10
C TYR A 452 28.26 21.40 7.79
N VAL A 453 27.68 20.31 7.30
CA VAL A 453 28.08 19.73 6.00
C VAL A 453 27.02 19.98 4.95
N LYS A 454 27.37 20.74 3.90
CA LYS A 454 26.43 20.99 2.78
C LYS A 454 26.52 19.82 1.81
N ARG A 455 25.43 19.08 1.65
CA ARG A 455 25.50 17.81 0.97
C ARG A 455 25.16 17.89 -0.50
N SER A 456 25.77 17.00 -1.28
CA SER A 456 25.57 17.03 -2.71
C SER A 456 24.25 16.39 -3.11
N THR A 457 23.77 16.70 -4.32
CA THR A 457 22.55 16.09 -4.84
C THR A 457 22.73 14.63 -5.04
N PHE A 458 21.64 13.90 -5.20
CA PHE A 458 21.71 12.47 -5.14
C PHE A 458 22.42 11.84 -6.33
N ALA A 459 23.30 10.89 -6.04
CA ALA A 459 23.87 10.01 -7.05
C ALA A 459 23.80 8.57 -6.53
N ARG A 460 23.38 7.64 -7.37
CA ARG A 460 23.33 6.25 -6.92
C ARG A 460 24.72 5.74 -6.53
N PRO A 461 24.80 4.96 -5.45
CA PRO A 461 26.09 4.44 -5.04
C PRO A 461 26.75 3.48 -6.04
N MET B 1 -48.67 -21.64 -12.74
CA MET B 1 -48.10 -22.50 -13.80
C MET B 1 -47.09 -23.52 -13.21
N LYS B 2 -47.20 -24.73 -13.74
CA LYS B 2 -46.10 -25.66 -13.84
C LYS B 2 -45.53 -25.59 -15.25
N LYS B 3 -44.20 -25.45 -15.30
CA LYS B 3 -43.44 -25.56 -16.55
C LYS B 3 -42.47 -26.73 -16.51
N TRP B 4 -42.42 -27.49 -17.60
CA TRP B 4 -41.65 -28.72 -17.71
C TRP B 4 -40.67 -28.50 -18.87
N ILE B 5 -39.39 -28.30 -18.53
CA ILE B 5 -38.42 -27.95 -19.57
C ILE B 5 -37.73 -29.23 -20.01
N ARG B 6 -37.94 -29.62 -21.26
CA ARG B 6 -37.56 -30.95 -21.73
C ARG B 6 -36.38 -30.96 -22.71
N ASN B 7 -35.56 -32.02 -22.62
CA ASN B 7 -34.58 -32.42 -23.63
C ASN B 7 -33.37 -31.54 -23.72
N GLY B 8 -33.14 -30.75 -22.68
CA GLY B 8 -31.97 -29.93 -22.60
C GLY B 8 -30.90 -30.47 -21.66
N THR B 9 -29.80 -29.74 -21.60
CA THR B 9 -28.63 -30.21 -20.87
C THR B 9 -28.44 -29.21 -19.75
N VAL B 10 -28.57 -29.66 -18.51
CA VAL B 10 -28.36 -28.78 -17.36
C VAL B 10 -26.87 -28.59 -17.12
N VAL B 11 -26.48 -27.35 -16.87
CA VAL B 11 -25.08 -27.08 -16.51
C VAL B 11 -25.08 -26.21 -15.26
N THR B 12 -24.39 -26.65 -14.21
CA THR B 12 -24.25 -25.84 -13.00
C THR B 12 -22.77 -25.65 -12.71
N ALA B 13 -22.44 -25.13 -11.52
CA ALA B 13 -21.02 -24.94 -11.20
C ALA B 13 -20.28 -26.26 -10.96
N SER B 14 -21.04 -27.35 -10.69
CA SER B 14 -20.45 -28.67 -10.50
C SER B 14 -20.82 -29.67 -11.58
N ASP B 15 -22.08 -29.62 -12.03
CA ASP B 15 -22.75 -30.73 -12.75
C ASP B 15 -23.01 -30.40 -14.24
N THR B 16 -22.94 -31.42 -15.11
CA THR B 16 -23.41 -31.27 -16.51
C THR B 16 -24.09 -32.58 -16.90
N TYR B 17 -25.38 -32.51 -17.19
CA TYR B 17 -26.13 -33.76 -17.46
C TYR B 17 -27.38 -33.46 -18.28
N GLN B 18 -27.92 -34.48 -18.94
CA GLN B 18 -29.20 -34.35 -19.63
C GLN B 18 -30.33 -34.75 -18.69
N ALA B 19 -31.31 -33.85 -18.54
CA ALA B 19 -32.49 -34.18 -17.75
C ALA B 19 -33.49 -33.10 -17.95
N ASP B 20 -34.74 -33.39 -17.58
CA ASP B 20 -35.80 -32.40 -17.61
C ASP B 20 -35.94 -31.67 -16.29
N VAL B 21 -36.38 -30.43 -16.34
CA VAL B 21 -36.59 -29.62 -15.15
C VAL B 21 -38.06 -29.23 -14.97
N LEU B 22 -38.66 -29.61 -13.83
CA LEU B 22 -40.03 -29.19 -13.50
C LEU B 22 -40.04 -28.01 -12.54
N ILE B 23 -40.73 -26.96 -12.95
CA ILE B 23 -40.94 -25.76 -12.19
C ILE B 23 -42.38 -25.77 -11.73
N ASP B 24 -42.61 -25.47 -10.45
CA ASP B 24 -43.97 -25.24 -9.93
C ASP B 24 -44.03 -23.92 -9.23
N GLY B 25 -44.74 -22.99 -9.85
CA GLY B 25 -44.76 -21.64 -9.34
C GLY B 25 -43.39 -20.98 -9.57
N GLU B 26 -42.79 -20.47 -8.50
CA GLU B 26 -41.51 -19.70 -8.64
C GLU B 26 -40.23 -20.55 -8.54
N LYS B 27 -40.39 -21.85 -8.26
CA LYS B 27 -39.30 -22.73 -7.81
C LYS B 27 -39.10 -24.01 -8.62
N VAL B 28 -37.87 -24.49 -8.67
CA VAL B 28 -37.64 -25.80 -9.26
C VAL B 28 -38.09 -26.83 -8.23
N VAL B 29 -38.94 -27.77 -8.62
CA VAL B 29 -39.40 -28.83 -7.69
C VAL B 29 -38.94 -30.24 -8.03
N ALA B 30 -38.53 -30.47 -9.27
CA ALA B 30 -37.99 -31.79 -9.62
C ALA B 30 -37.07 -31.72 -10.80
N ILE B 31 -36.11 -32.64 -10.83
CA ILE B 31 -35.26 -32.77 -12.00
C ILE B 31 -35.13 -34.23 -12.24
N GLY B 32 -35.23 -34.64 -13.50
CA GLY B 32 -35.28 -36.07 -13.78
C GLY B 32 -35.47 -36.38 -15.23
N SER B 33 -35.08 -37.59 -15.60
CA SER B 33 -35.02 -37.99 -17.00
C SER B 33 -36.38 -38.52 -17.50
N ASP B 34 -37.27 -38.85 -16.57
CA ASP B 34 -38.63 -39.30 -16.91
C ASP B 34 -39.68 -38.89 -15.87
N LEU B 35 -40.00 -37.60 -15.82
CA LEU B 35 -40.80 -37.08 -14.73
C LEU B 35 -42.32 -37.31 -14.94
N GLN B 36 -42.74 -37.46 -16.19
CA GLN B 36 -44.16 -37.73 -16.51
C GLN B 36 -45.05 -36.71 -15.83
N ALA B 37 -44.61 -35.45 -15.88
CA ALA B 37 -45.35 -34.36 -15.28
C ALA B 37 -46.69 -34.13 -15.97
N THR B 38 -47.70 -33.80 -15.18
CA THR B 38 -49.00 -33.46 -15.72
C THR B 38 -49.45 -32.05 -15.36
N ASP B 39 -50.21 -31.47 -16.28
CA ASP B 39 -50.75 -30.15 -16.13
C ASP B 39 -49.62 -29.14 -16.12
N ALA B 40 -48.55 -29.49 -16.84
CA ALA B 40 -47.39 -28.60 -17.04
C ALA B 40 -47.23 -28.18 -18.50
N GLU B 41 -46.90 -26.91 -18.71
CA GLU B 41 -46.53 -26.39 -20.02
C GLU B 41 -45.16 -26.89 -20.46
N VAL B 42 -45.09 -27.54 -21.62
CA VAL B 42 -43.86 -28.17 -22.08
C VAL B 42 -43.03 -27.14 -22.82
N ILE B 43 -41.78 -26.97 -22.38
CA ILE B 43 -40.82 -26.06 -23.03
C ILE B 43 -39.70 -26.91 -23.62
N ASP B 44 -39.51 -26.81 -24.93
CA ASP B 44 -38.60 -27.71 -25.63
C ASP B 44 -37.21 -27.07 -25.60
N ALA B 45 -36.26 -27.72 -24.95
CA ALA B 45 -34.90 -27.16 -24.83
C ALA B 45 -33.91 -28.01 -25.62
N THR B 46 -34.38 -28.72 -26.65
CA THR B 46 -33.52 -29.50 -27.53
C THR B 46 -32.36 -28.65 -28.02
N GLY B 47 -31.14 -29.16 -27.88
CA GLY B 47 -29.94 -28.48 -28.34
C GLY B 47 -29.52 -27.26 -27.52
N TYR B 48 -30.18 -27.04 -26.39
CA TYR B 48 -29.83 -25.89 -25.51
C TYR B 48 -29.15 -26.38 -24.25
N TYR B 49 -28.36 -25.49 -23.65
CA TYR B 49 -28.01 -25.64 -22.26
C TYR B 49 -29.07 -24.96 -21.45
N LEU B 50 -29.32 -25.49 -20.26
CA LEU B 50 -30.07 -24.77 -19.26
C LEU B 50 -29.03 -24.26 -18.28
N LEU B 51 -28.91 -22.94 -18.14
CA LEU B 51 -27.93 -22.33 -17.24
C LEU B 51 -28.64 -21.66 -16.10
N PRO B 52 -28.02 -21.66 -14.90
CA PRO B 52 -28.58 -20.77 -13.90
C PRO B 52 -28.40 -19.33 -14.37
N GLY B 53 -29.44 -18.51 -14.19
CA GLY B 53 -29.41 -17.15 -14.68
C GLY B 53 -28.19 -16.43 -14.13
N GLY B 54 -27.56 -15.63 -15.00
CA GLY B 54 -26.40 -14.80 -14.55
C GLY B 54 -26.75 -13.93 -13.37
N ILE B 55 -25.84 -13.79 -12.41
CA ILE B 55 -26.03 -12.80 -11.35
C ILE B 55 -24.93 -11.75 -11.49
N ASP B 56 -25.30 -10.49 -11.78
CA ASP B 56 -24.28 -9.47 -12.06
C ASP B 56 -24.09 -8.64 -10.83
N PRO B 57 -22.98 -8.88 -10.10
CA PRO B 57 -22.83 -8.14 -8.84
C PRO B 57 -22.33 -6.71 -8.98
N HIS B 58 -22.29 -6.17 -10.20
CA HIS B 58 -21.62 -4.90 -10.40
C HIS B 58 -22.34 -4.04 -11.43
N THR B 59 -23.38 -3.35 -10.97
CA THR B 59 -24.16 -2.51 -11.87
C THR B 59 -24.29 -1.09 -11.30
N HIS B 60 -24.54 -0.13 -12.20
CA HIS B 60 -24.75 1.27 -11.82
C HIS B 60 -25.93 1.86 -12.63
N LEU B 61 -27.15 1.40 -12.33
CA LEU B 61 -28.34 1.81 -13.10
C LEU B 61 -28.84 3.15 -12.54
N ASP B 62 -29.14 4.09 -13.44
CA ASP B 62 -29.68 5.38 -13.01
C ASP B 62 -28.76 6.10 -11.99
N MET B 63 -27.46 6.07 -12.27
CA MET B 63 -26.47 6.61 -11.34
C MET B 63 -26.09 8.04 -11.73
N PRO B 64 -26.11 8.96 -10.76
CA PRO B 64 -25.59 10.32 -10.98
C PRO B 64 -24.07 10.28 -10.87
N PHE B 65 -23.38 10.57 -11.96
CA PHE B 65 -21.92 10.42 -12.01
C PHE B 65 -21.46 11.17 -13.26
N GLY B 66 -20.24 11.72 -13.20
CA GLY B 66 -19.58 12.24 -14.40
C GLY B 66 -20.23 13.48 -14.97
N GLY B 67 -20.97 14.21 -14.13
CA GLY B 67 -21.74 15.40 -14.54
C GLY B 67 -23.06 15.09 -15.22
N THR B 68 -23.50 13.84 -15.17
CA THR B 68 -24.73 13.44 -15.83
C THR B 68 -25.26 12.22 -15.09
N VAL B 69 -26.03 11.38 -15.79
CA VAL B 69 -26.68 10.21 -15.14
C VAL B 69 -26.55 9.05 -16.11
N THR B 70 -26.23 7.84 -15.63
CA THR B 70 -26.06 6.73 -16.56
C THR B 70 -27.37 6.50 -17.33
N SER B 71 -27.24 6.03 -18.57
CA SER B 71 -28.34 6.12 -19.54
C SER B 71 -29.34 4.93 -19.49
N ASP B 72 -28.99 3.85 -18.79
CA ASP B 72 -29.95 2.81 -18.47
C ASP B 72 -30.51 3.14 -17.10
N ASN B 73 -31.84 3.16 -16.98
CA ASN B 73 -32.43 3.11 -15.65
C ASN B 73 -32.71 1.68 -15.18
N PHE B 74 -33.44 1.53 -14.07
CA PHE B 74 -33.70 0.18 -13.59
C PHE B 74 -34.57 -0.68 -14.52
N PHE B 75 -35.39 -0.04 -15.34
CA PHE B 75 -36.15 -0.79 -16.33
C PHE B 75 -35.30 -1.19 -17.53
N THR B 76 -34.72 -0.22 -18.22
CA THR B 76 -34.00 -0.56 -19.46
C THR B 76 -32.75 -1.42 -19.15
N GLY B 77 -32.13 -1.15 -18.01
CA GLY B 77 -30.93 -1.90 -17.62
C GLY B 77 -31.24 -3.34 -17.25
N THR B 78 -32.31 -3.59 -16.49
CA THR B 78 -32.66 -4.99 -16.16
C THR B 78 -33.22 -5.76 -17.38
N LYS B 79 -33.90 -5.04 -18.28
CA LYS B 79 -34.34 -5.65 -19.53
C LYS B 79 -33.11 -6.06 -20.36
N ALA B 80 -32.13 -5.16 -20.49
CA ALA B 80 -30.91 -5.53 -21.23
C ALA B 80 -30.15 -6.69 -20.55
N ALA B 81 -30.09 -6.67 -19.21
CA ALA B 81 -29.48 -7.79 -18.45
C ALA B 81 -30.13 -9.12 -18.82
N ALA B 82 -31.48 -9.16 -18.82
CA ALA B 82 -32.19 -10.38 -19.10
C ALA B 82 -31.91 -10.89 -20.53
N PHE B 83 -31.93 -9.98 -21.52
CA PHE B 83 -31.60 -10.36 -22.88
C PHE B 83 -30.16 -10.91 -22.96
N GLY B 84 -29.30 -10.49 -22.03
CA GLY B 84 -27.93 -11.00 -21.97
C GLY B 84 -27.73 -12.25 -21.12
N GLY B 85 -28.82 -12.82 -20.62
CA GLY B 85 -28.80 -14.06 -19.82
C GLY B 85 -28.53 -13.85 -18.33
N THR B 86 -28.77 -12.64 -17.86
CA THR B 86 -28.62 -12.27 -16.45
C THR B 86 -29.97 -12.04 -15.79
N THR B 87 -30.20 -12.74 -14.68
CA THR B 87 -31.51 -12.73 -14.01
C THR B 87 -31.57 -12.06 -12.62
N SER B 88 -30.42 -11.66 -12.06
CA SER B 88 -30.35 -10.87 -10.85
C SER B 88 -29.18 -9.91 -10.98
N ILE B 89 -29.35 -8.71 -10.41
CA ILE B 89 -28.26 -7.73 -10.27
C ILE B 89 -28.07 -7.29 -8.85
N VAL B 90 -26.87 -6.82 -8.53
CA VAL B 90 -26.66 -6.10 -7.28
C VAL B 90 -25.99 -4.76 -7.60
N ASP B 91 -26.75 -3.69 -7.35
CA ASP B 91 -26.43 -2.36 -7.83
C ASP B 91 -25.85 -1.58 -6.67
N PHE B 92 -24.97 -0.62 -6.97
CA PHE B 92 -24.35 0.22 -5.93
C PHE B 92 -25.15 1.43 -5.51
N CYS B 93 -25.70 1.37 -4.29
CA CYS B 93 -26.36 2.53 -3.70
C CYS B 93 -25.32 3.54 -3.19
N LEU B 94 -25.29 4.74 -3.80
CA LEU B 94 -24.33 5.79 -3.39
C LEU B 94 -24.80 6.59 -2.17
N THR B 95 -23.86 7.07 -1.37
CA THR B 95 -24.14 7.93 -0.23
C THR B 95 -23.29 9.19 -0.36
N SER B 96 -23.60 10.21 0.44
CA SER B 96 -22.71 11.36 0.53
C SER B 96 -22.53 11.74 2.00
N LYS B 97 -21.40 12.35 2.34
CA LYS B 97 -21.10 12.64 3.76
C LYS B 97 -22.28 13.36 4.37
N GLY B 98 -22.57 13.06 5.64
CA GLY B 98 -23.62 13.74 6.34
C GLY B 98 -25.02 13.21 6.07
N GLU B 99 -25.17 12.40 5.03
CA GLU B 99 -26.47 11.86 4.66
C GLU B 99 -26.74 10.60 5.49
N SER B 100 -27.99 10.39 5.90
CA SER B 100 -28.30 9.14 6.60
C SER B 100 -28.24 8.00 5.61
N LEU B 101 -27.69 6.86 6.05
CA LEU B 101 -27.61 5.70 5.18
C LEU B 101 -29.04 5.28 4.76
N HIS B 102 -29.97 5.34 5.69
CA HIS B 102 -31.32 4.86 5.37
C HIS B 102 -32.01 5.72 4.30
N SER B 103 -31.76 7.00 4.32
CA SER B 103 -32.28 7.86 3.26
C SER B 103 -31.68 7.53 1.86
N ALA B 104 -30.37 7.25 1.78
CA ALA B 104 -29.76 6.82 0.51
C ALA B 104 -30.44 5.55 -0.01
N ILE B 105 -30.62 4.58 0.88
CA ILE B 105 -31.19 3.30 0.56
C ILE B 105 -32.63 3.49 0.07
N ALA B 106 -33.39 4.37 0.75
CA ALA B 106 -34.77 4.73 0.27
C ALA B 106 -34.75 5.30 -1.14
N THR B 107 -33.80 6.17 -1.42
CA THR B 107 -33.62 6.67 -2.79
C THR B 107 -33.44 5.60 -3.84
N TRP B 108 -32.57 4.63 -3.56
CA TRP B 108 -32.33 3.52 -4.46
C TRP B 108 -33.56 2.59 -4.62
N HIS B 109 -34.27 2.32 -3.53
CA HIS B 109 -35.52 1.57 -3.66
C HIS B 109 -36.50 2.28 -4.60
N GLU B 110 -36.55 3.59 -4.54
CA GLU B 110 -37.46 4.35 -5.40
C GLU B 110 -36.99 4.24 -6.87
N LYS B 111 -35.68 4.14 -7.11
CA LYS B 111 -35.20 3.95 -8.50
C LYS B 111 -35.69 2.61 -9.08
N ALA B 112 -35.73 1.58 -8.24
CA ALA B 112 -36.03 0.25 -8.70
C ALA B 112 -37.52 -0.10 -8.70
N ARG B 113 -38.26 0.56 -7.81
CA ARG B 113 -39.71 0.32 -7.57
C ARG B 113 -40.53 0.47 -8.84
N GLY B 114 -41.21 -0.61 -9.21
CA GLY B 114 -42.12 -0.63 -10.37
C GLY B 114 -41.40 -0.61 -11.70
N LYS B 115 -40.06 -0.81 -11.67
CA LYS B 115 -39.27 -0.61 -12.86
C LYS B 115 -38.46 -1.86 -13.22
N ALA B 116 -37.79 -2.43 -12.22
CA ALA B 116 -37.01 -3.63 -12.44
C ALA B 116 -37.85 -4.77 -12.96
N VAL B 117 -37.28 -5.41 -13.98
CA VAL B 117 -37.90 -6.51 -14.65
C VAL B 117 -37.41 -7.87 -14.11
N ILE B 118 -36.28 -7.87 -13.39
CA ILE B 118 -35.70 -9.07 -12.75
C ILE B 118 -35.20 -8.66 -11.37
N ASP B 119 -34.73 -9.62 -10.58
CA ASP B 119 -34.55 -9.36 -9.14
C ASP B 119 -33.27 -8.56 -8.89
N TYR B 120 -33.21 -7.85 -7.78
CA TYR B 120 -32.08 -6.95 -7.53
C TYR B 120 -31.77 -6.83 -6.04
N GLY B 121 -30.47 -6.71 -5.71
CA GLY B 121 -30.05 -6.36 -4.35
C GLY B 121 -29.28 -5.04 -4.46
N PHE B 122 -28.90 -4.45 -3.33
CA PHE B 122 -28.01 -3.27 -3.33
C PHE B 122 -26.77 -3.51 -2.49
N HIS B 123 -25.62 -3.00 -2.94
CA HIS B 123 -24.48 -2.72 -2.05
C HIS B 123 -24.66 -1.33 -1.48
N LEU B 124 -23.92 -0.97 -0.42
CA LEU B 124 -23.98 0.41 0.06
C LEU B 124 -22.58 1.02 0.06
N MET B 125 -22.45 2.12 -0.67
CA MET B 125 -21.26 2.98 -0.53
C MET B 125 -21.05 3.53 0.86
N VAL B 126 -19.81 3.43 1.35
CA VAL B 126 -19.41 4.14 2.57
C VAL B 126 -18.44 5.28 2.21
N SER B 127 -18.84 6.53 2.45
CA SER B 127 -17.97 7.71 2.13
C SER B 127 -17.17 8.10 3.36
N ASP B 128 -17.72 7.79 4.54
CA ASP B 128 -17.14 8.28 5.76
C ASP B 128 -17.60 7.40 6.92
N ALA B 129 -16.66 6.96 7.73
CA ALA B 129 -16.97 6.00 8.79
C ALA B 129 -17.02 6.66 10.15
N ASN B 130 -17.67 7.81 10.24
CA ASN B 130 -17.87 8.45 11.54
C ASN B 130 -18.73 7.53 12.44
N ASP B 131 -18.67 7.75 13.75
CA ASP B 131 -19.39 6.90 14.71
C ASP B 131 -20.89 6.69 14.40
N HIS B 132 -21.58 7.75 14.00
CA HIS B 132 -22.97 7.66 13.64
C HIS B 132 -23.20 6.66 12.49
N VAL B 133 -22.35 6.75 11.46
CA VAL B 133 -22.43 5.79 10.35
C VAL B 133 -22.16 4.35 10.79
N LEU B 134 -21.18 4.16 11.67
CA LEU B 134 -20.84 2.83 12.08
C LEU B 134 -22.03 2.24 12.88
N GLU B 135 -22.71 3.09 13.65
CA GLU B 135 -23.92 2.66 14.39
C GLU B 135 -25.05 2.33 13.40
N GLU B 136 -25.27 3.18 12.40
CA GLU B 136 -26.34 2.92 11.42
C GLU B 136 -26.14 1.68 10.55
N LEU B 137 -24.90 1.20 10.44
CA LEU B 137 -24.62 0.03 9.63
C LEU B 137 -25.20 -1.25 10.25
N GLU B 138 -25.44 -1.24 11.56
CA GLU B 138 -26.11 -2.37 12.23
C GLU B 138 -27.49 -2.65 11.58
N SER B 139 -28.26 -1.61 11.31
CA SER B 139 -29.57 -1.83 10.71
C SER B 139 -29.48 -2.03 9.22
N VAL B 140 -28.45 -1.45 8.60
CA VAL B 140 -28.30 -1.61 7.16
C VAL B 140 -28.13 -3.12 6.89
N VAL B 141 -27.33 -3.77 7.71
CA VAL B 141 -27.03 -5.19 7.57
C VAL B 141 -28.24 -6.03 8.05
N ASN B 142 -28.79 -5.66 9.20
CA ASN B 142 -29.77 -6.55 9.91
C ASN B 142 -31.27 -6.24 9.70
N ASN B 143 -31.58 -5.11 9.07
CA ASN B 143 -32.97 -4.74 8.70
C ASN B 143 -33.04 -4.66 7.17
N GLU B 144 -32.10 -3.91 6.57
CA GLU B 144 -32.21 -3.62 5.14
C GLU B 144 -31.70 -4.73 4.22
N GLY B 145 -31.00 -5.73 4.75
CA GLY B 145 -30.54 -6.82 3.94
C GLY B 145 -29.40 -6.43 3.01
N ILE B 146 -28.56 -5.49 3.45
CA ILE B 146 -27.43 -5.06 2.61
C ILE B 146 -26.15 -5.48 3.34
N THR B 147 -25.45 -6.46 2.75
CA THR B 147 -24.36 -7.14 3.44
C THR B 147 -23.04 -7.03 2.66
N SER B 148 -22.99 -6.06 1.77
CA SER B 148 -21.72 -5.68 1.10
C SER B 148 -21.62 -4.15 1.03
N LEU B 149 -20.43 -3.66 1.43
CA LEU B 149 -20.21 -2.23 1.62
C LEU B 149 -19.06 -1.83 0.73
N VAL B 151 -16.19 0.79 -0.78
CA VAL B 151 -15.33 1.88 -0.46
C VAL B 151 -14.54 2.21 -1.72
N PHE B 152 -14.62 3.47 -2.17
CA PHE B 152 -13.87 3.91 -3.35
C PHE B 152 -12.54 4.49 -2.89
N MET B 153 -11.43 3.98 -3.44
CA MET B 153 -10.11 4.47 -3.07
C MET B 153 -9.62 5.50 -4.09
N ALA B 154 -10.38 5.67 -5.17
CA ALA B 154 -10.12 6.76 -6.13
C ALA B 154 -11.34 7.66 -6.31
N TYR B 155 -11.32 8.45 -7.39
CA TYR B 155 -12.29 9.53 -7.58
C TYR B 155 -12.25 10.60 -6.47
N LYS B 156 -11.07 11.20 -6.27
CA LYS B 156 -10.89 12.23 -5.27
C LYS B 156 -11.96 13.35 -5.40
N ASN B 157 -12.43 13.82 -4.24
CA ASN B 157 -13.44 14.88 -4.17
C ASN B 157 -14.83 14.49 -4.70
N VAL B 158 -14.99 13.21 -5.06
CA VAL B 158 -16.25 12.73 -5.61
C VAL B 158 -16.75 11.54 -4.77
N LEU B 159 -16.06 10.41 -4.86
CA LEU B 159 -16.46 9.18 -4.19
C LEU B 159 -15.41 8.68 -3.19
N MET B 160 -14.22 9.27 -3.24
CA MET B 160 -13.04 8.73 -2.51
C MET B 160 -13.17 8.77 -1.00
N ALA B 161 -12.71 7.69 -0.36
CA ALA B 161 -12.58 7.60 1.09
C ALA B 161 -11.10 7.36 1.39
N ASP B 162 -10.73 7.55 2.65
CA ASP B 162 -9.32 7.38 3.06
C ASP B 162 -9.09 6.11 3.88
N ASP B 163 -7.85 5.92 4.34
CA ASP B 163 -7.53 4.66 5.03
C ASP B 163 -8.27 4.58 6.38
N GLU B 164 -8.44 5.71 7.06
CA GLU B 164 -9.26 5.71 8.30
C GLU B 164 -10.65 5.10 8.02
N THR B 165 -11.31 5.59 6.97
CA THR B 165 -12.65 5.08 6.61
C THR B 165 -12.56 3.60 6.24
N LEU B 166 -11.59 3.27 5.39
CA LEU B 166 -11.50 1.87 4.94
C LEU B 166 -11.22 0.93 6.12
N PHE B 167 -10.26 1.30 6.99
CA PHE B 167 -9.93 0.38 8.06
C PHE B 167 -11.12 0.22 9.06
N LYS B 168 -11.74 1.32 9.41
CA LYS B 168 -12.89 1.26 10.34
C LYS B 168 -14.05 0.48 9.70
N THR B 169 -14.24 0.65 8.41
CA THR B 169 -15.31 -0.13 7.71
C THR B 169 -15.06 -1.61 7.73
N LEU B 170 -13.80 -1.99 7.52
CA LEU B 170 -13.42 -3.38 7.58
C LEU B 170 -13.63 -4.00 8.98
N ILE B 171 -13.20 -3.28 10.04
CA ILE B 171 -13.42 -3.78 11.41
C ILE B 171 -14.92 -3.92 11.73
N ARG B 172 -15.70 -2.91 11.33
CA ARG B 172 -17.14 -2.93 11.58
C ARG B 172 -17.80 -4.03 10.76
N ALA B 173 -17.35 -4.20 9.52
CA ALA B 173 -17.91 -5.24 8.64
C ALA B 173 -17.64 -6.61 9.19
N LYS B 174 -16.48 -6.81 9.82
CA LYS B 174 -16.20 -8.14 10.38
C LYS B 174 -17.19 -8.42 11.54
N GLU B 175 -17.44 -7.39 12.34
CA GLU B 175 -18.38 -7.52 13.48
C GLU B 175 -19.75 -7.90 12.97
N LEU B 176 -20.16 -7.30 11.86
CA LEU B 176 -21.54 -7.40 11.37
C LEU B 176 -21.79 -8.55 10.44
N GLY B 177 -20.71 -9.16 9.92
CA GLY B 177 -20.80 -10.17 8.86
C GLY B 177 -21.01 -9.57 7.47
N ALA B 178 -20.45 -8.41 7.21
CA ALA B 178 -20.55 -7.77 5.87
C ALA B 178 -19.24 -7.97 5.10
N LEU B 179 -19.38 -8.02 3.77
CA LEU B 179 -18.22 -8.09 2.85
C LEU B 179 -17.90 -6.64 2.45
N VAL B 180 -16.61 -6.28 2.47
CA VAL B 180 -16.19 -4.94 2.00
C VAL B 180 -15.63 -5.04 0.59
N GLN B 181 -16.22 -4.25 -0.31
CA GLN B 181 -15.75 -4.19 -1.70
C GLN B 181 -14.90 -2.94 -1.86
N VAL B 182 -13.83 -3.02 -2.67
CA VAL B 182 -13.05 -1.81 -2.92
C VAL B 182 -12.87 -1.60 -4.41
N HIS B 183 -13.07 -0.33 -4.85
CA HIS B 183 -12.47 0.15 -6.11
C HIS B 183 -11.03 0.59 -5.79
N ALA B 184 -10.07 -0.22 -6.17
CA ALA B 184 -8.68 -0.06 -5.70
C ALA B 184 -7.82 0.58 -6.80
N GLU B 185 -7.79 1.91 -6.83
CA GLU B 185 -6.70 2.66 -7.50
C GLU B 185 -6.28 3.77 -6.57
N ASN B 186 -4.99 4.13 -6.54
CA ASN B 186 -4.61 5.24 -5.64
C ASN B 186 -5.11 6.59 -6.14
N GLY B 187 -6.18 7.09 -5.51
CA GLY B 187 -6.79 8.37 -5.91
C GLY B 187 -5.87 9.59 -5.90
N ASP B 188 -4.89 9.62 -5.00
CA ASP B 188 -4.03 10.81 -4.90
C ASP B 188 -3.01 10.81 -6.03
N VAL B 189 -2.43 9.65 -6.31
CA VAL B 189 -1.58 9.49 -7.51
C VAL B 189 -2.35 9.90 -8.78
N LEU B 190 -3.56 9.37 -8.94
CA LEU B 190 -4.36 9.69 -10.12
C LEU B 190 -4.69 11.19 -10.22
N ASP B 191 -5.07 11.80 -9.09
CA ASP B 191 -5.41 13.25 -9.10
C ASP B 191 -4.22 14.06 -9.61
N TYR B 192 -3.01 13.73 -9.12
CA TYR B 192 -1.83 14.49 -9.56
C TYR B 192 -1.53 14.23 -11.04
N LEU B 193 -1.55 12.96 -11.45
CA LEU B 193 -1.20 12.65 -12.86
C LEU B 193 -2.20 13.26 -13.86
N THR B 194 -3.48 13.27 -13.48
CA THR B 194 -4.52 13.82 -14.38
C THR B 194 -4.37 15.33 -14.54
N LYS B 195 -4.14 16.02 -13.43
CA LYS B 195 -3.87 17.46 -13.47
C LYS B 195 -2.59 17.81 -14.24
N GLN B 196 -1.55 17.01 -14.04
CA GLN B 196 -0.29 17.20 -14.82
C GLN B 196 -0.50 16.98 -16.35
N ALA B 197 -1.31 15.99 -16.71
CA ALA B 197 -1.58 15.71 -18.11
C ALA B 197 -2.24 16.93 -18.73
N LEU B 198 -3.32 17.40 -18.08
CA LEU B 198 -4.04 18.58 -18.57
C LEU B 198 -3.16 19.80 -18.69
N ALA B 199 -2.27 20.00 -17.72
CA ALA B 199 -1.43 21.21 -17.71
C ALA B 199 -0.44 21.14 -18.89
N GLU B 200 -0.11 19.91 -19.31
CA GLU B 200 0.81 19.68 -20.40
C GLU B 200 0.12 19.68 -21.77
N GLY B 201 -1.20 19.93 -21.77
CA GLY B 201 -2.04 19.93 -22.97
C GLY B 201 -2.37 18.54 -23.50
N ASN B 202 -2.20 17.52 -22.66
CA ASN B 202 -2.53 16.13 -23.04
C ASN B 202 -3.97 15.83 -22.63
N THR B 203 -4.91 16.09 -23.55
CA THR B 203 -6.33 16.15 -23.24
C THR B 203 -7.11 15.05 -23.91
N ASP B 204 -6.49 14.33 -24.84
CA ASP B 204 -7.21 13.27 -25.59
C ASP B 204 -7.60 12.07 -24.69
N PRO B 205 -8.59 11.26 -25.11
CA PRO B 205 -9.03 10.08 -24.34
C PRO B 205 -7.92 9.12 -23.89
N ILE B 206 -6.92 8.86 -24.72
CA ILE B 206 -5.82 7.98 -24.33
C ILE B 206 -5.14 8.37 -23.01
N TYR B 207 -5.14 9.66 -22.68
CA TYR B 207 -4.48 10.09 -21.45
C TYR B 207 -5.28 9.68 -20.23
N HIS B 208 -6.51 9.22 -20.46
CA HIS B 208 -7.30 8.63 -19.38
C HIS B 208 -6.57 7.39 -18.85
N ALA B 209 -5.96 6.62 -19.76
CA ALA B 209 -5.24 5.40 -19.37
C ALA B 209 -3.88 5.74 -18.79
N TYR B 210 -3.15 6.65 -19.45
CA TYR B 210 -1.77 6.96 -19.03
C TYR B 210 -1.69 7.59 -17.67
N THR B 211 -2.76 8.26 -17.24
CA THR B 211 -2.79 8.87 -15.91
C THR B 211 -3.26 7.94 -14.76
N ARG B 212 -3.46 6.65 -15.07
CA ARG B 212 -3.87 5.67 -14.05
C ARG B 212 -3.08 4.40 -14.28
N PRO B 213 -1.74 4.48 -14.11
CA PRO B 213 -0.91 3.31 -14.41
C PRO B 213 -1.27 2.08 -13.56
N PRO B 214 -0.89 0.89 -14.05
CA PRO B 214 -1.31 -0.32 -13.33
C PRO B 214 -0.76 -0.37 -11.92
N GLU B 215 0.42 0.23 -11.69
CA GLU B 215 1.01 0.23 -10.35
C GLU B 215 0.14 0.97 -9.33
N ALA B 216 -0.69 1.92 -9.79
CA ALA B 216 -1.60 2.66 -8.88
C ALA B 216 -2.76 1.76 -8.45
N GLU B 217 -3.16 0.87 -9.35
CA GLU B 217 -4.16 -0.19 -9.01
C GLU B 217 -3.52 -1.25 -8.12
N GLY B 218 -2.28 -1.64 -8.42
CA GLY B 218 -1.62 -2.68 -7.59
C GLY B 218 -1.44 -2.15 -6.18
N GLU B 219 -1.00 -0.88 -6.05
CA GLU B 219 -0.72 -0.28 -4.73
C GLU B 219 -2.02 -0.29 -3.91
N ALA B 220 -3.09 0.19 -4.51
CA ALA B 220 -4.31 0.31 -3.69
C ALA B 220 -4.88 -1.10 -3.38
N THR B 221 -4.71 -2.05 -4.29
CA THR B 221 -5.16 -3.44 -4.03
C THR B 221 -4.38 -3.98 -2.84
N GLY B 222 -3.06 -3.76 -2.84
CA GLY B 222 -2.21 -4.19 -1.72
C GLY B 222 -2.57 -3.55 -0.40
N ARG B 223 -2.92 -2.26 -0.46
CA ARG B 223 -3.25 -1.50 0.76
C ARG B 223 -4.57 -1.98 1.36
N ALA B 224 -5.58 -2.18 0.51
CA ALA B 224 -6.86 -2.75 0.98
C ALA B 224 -6.65 -4.17 1.55
N ILE B 225 -5.78 -4.92 0.91
CA ILE B 225 -5.45 -6.30 1.41
C ILE B 225 -4.79 -6.27 2.80
N ALA B 226 -3.80 -5.41 2.98
CA ALA B 226 -3.10 -5.32 4.27
C ALA B 226 -4.09 -4.87 5.34
N LEU B 227 -4.95 -3.89 5.02
CA LEU B 227 -5.92 -3.39 6.02
C LEU B 227 -6.95 -4.48 6.37
N THR B 228 -7.28 -5.28 5.38
CA THR B 228 -8.20 -6.43 5.63
C THR B 228 -7.55 -7.47 6.57
N ALA B 229 -6.30 -7.82 6.31
CA ALA B 229 -5.60 -8.75 7.22
C ALA B 229 -5.47 -8.15 8.61
N LEU B 230 -5.15 -6.86 8.68
CA LEU B 230 -5.08 -6.17 10.00
C LEU B 230 -6.42 -6.23 10.76
N ALA B 231 -7.52 -6.25 10.03
CA ALA B 231 -8.87 -6.30 10.66
C ALA B 231 -9.42 -7.74 10.74
N ASP B 232 -8.67 -8.71 10.22
CA ASP B 232 -9.14 -10.06 10.08
C ASP B 232 -10.51 -10.12 9.38
N ALA B 233 -10.67 -9.31 8.34
CA ALA B 233 -11.99 -9.13 7.74
C ALA B 233 -12.06 -9.90 6.41
N GLN B 234 -13.06 -9.59 5.59
CA GLN B 234 -13.14 -10.18 4.25
C GLN B 234 -13.29 -9.09 3.19
N LEU B 235 -12.54 -9.23 2.09
CA LEU B 235 -12.44 -8.17 1.08
C LEU B 235 -12.82 -8.76 -0.25
N TYR B 236 -13.49 -7.94 -1.07
CA TYR B 236 -13.79 -8.27 -2.46
C TYR B 236 -13.29 -7.11 -3.35
N VAL B 237 -12.29 -7.40 -4.18
CA VAL B 237 -11.71 -6.38 -5.04
C VAL B 237 -12.48 -6.33 -6.37
N VAL B 238 -13.24 -5.25 -6.61
CA VAL B 238 -14.03 -5.19 -7.85
C VAL B 238 -13.10 -4.91 -9.04
N HIS B 239 -13.56 -5.22 -10.26
CA HIS B 239 -12.79 -4.93 -11.47
C HIS B 239 -11.27 -4.99 -11.35
N VAL B 240 -10.73 -6.16 -11.06
CA VAL B 240 -9.28 -6.36 -11.16
C VAL B 240 -8.92 -6.35 -12.64
N SER B 241 -8.00 -5.46 -13.06
CA SER B 241 -7.79 -5.27 -14.48
C SER B 241 -6.39 -5.70 -14.92
N CYS B 242 -5.47 -5.89 -13.98
CA CYS B 242 -4.06 -6.02 -14.38
C CYS B 242 -3.34 -7.03 -13.56
N ALA B 243 -2.24 -7.53 -14.11
CA ALA B 243 -1.40 -8.52 -13.44
C ALA B 243 -0.85 -8.04 -12.10
N ASP B 244 -0.56 -6.73 -11.99
CA ASP B 244 -0.02 -6.23 -10.70
C ASP B 244 -1.00 -6.58 -9.59
N ALA B 245 -2.27 -6.26 -9.82
CA ALA B 245 -3.29 -6.56 -8.81
C ALA B 245 -3.54 -8.06 -8.59
N VAL B 246 -3.53 -8.85 -9.66
CA VAL B 246 -3.76 -10.31 -9.55
C VAL B 246 -2.66 -10.89 -8.66
N ARG B 247 -1.43 -10.44 -8.88
CA ARG B 247 -0.30 -11.00 -8.12
C ARG B 247 -0.52 -10.78 -6.63
N ARG B 248 -0.96 -9.58 -6.25
CA ARG B 248 -1.19 -9.28 -4.87
C ARG B 248 -2.34 -10.09 -4.26
N ILE B 249 -3.41 -10.28 -5.02
CA ILE B 249 -4.52 -11.11 -4.56
C ILE B 249 -4.06 -12.57 -4.42
N ALA B 250 -3.28 -13.07 -5.40
CA ALA B 250 -2.77 -14.47 -5.33
C ALA B 250 -1.95 -14.65 -4.05
N GLU B 251 -1.04 -13.70 -3.80
CA GLU B 251 -0.20 -13.74 -2.59
C GLU B 251 -1.07 -13.73 -1.30
N ALA B 252 -2.06 -12.83 -1.23
CA ALA B 252 -2.94 -12.78 -0.04
C ALA B 252 -3.64 -14.11 0.18
N ARG B 253 -4.09 -14.72 -0.92
CA ARG B 253 -4.90 -15.94 -0.77
C ARG B 253 -4.01 -17.11 -0.38
N GLU B 254 -2.74 -17.08 -0.77
CA GLU B 254 -1.85 -18.16 -0.32
C GLU B 254 -1.57 -18.09 1.18
N LYS B 255 -1.63 -16.89 1.74
CA LYS B 255 -1.55 -16.74 3.22
C LYS B 255 -2.81 -17.14 3.95
N GLY B 256 -3.86 -17.43 3.19
CA GLY B 256 -5.13 -17.86 3.77
C GLY B 256 -6.08 -16.72 4.09
N TRP B 257 -5.74 -15.50 3.65
CA TRP B 257 -6.61 -14.34 3.93
C TRP B 257 -7.87 -14.40 3.09
N ASN B 258 -8.96 -13.83 3.60
CA ASN B 258 -10.25 -13.96 2.93
C ASN B 258 -10.44 -12.80 1.95
N VAL B 259 -9.71 -12.92 0.84
CA VAL B 259 -9.64 -11.87 -0.17
C VAL B 259 -10.12 -12.51 -1.47
N TYR B 260 -11.14 -11.89 -2.05
CA TYR B 260 -11.76 -12.34 -3.29
C TYR B 260 -11.58 -11.27 -4.35
N GLY B 261 -11.59 -11.71 -5.59
CA GLY B 261 -11.47 -10.78 -6.74
C GLY B 261 -12.48 -11.04 -7.83
N GLU B 262 -12.87 -9.93 -8.45
CA GLU B 262 -13.81 -9.86 -9.59
C GLU B 262 -13.01 -9.33 -10.77
N THR B 263 -13.31 -9.80 -11.97
CA THR B 263 -12.92 -9.03 -13.16
C THR B 263 -14.15 -8.82 -14.08
N CYS B 264 -13.96 -8.20 -15.23
CA CYS B 264 -15.10 -7.76 -16.07
C CYS B 264 -14.74 -8.04 -17.51
N PRO B 265 -15.74 -8.16 -18.39
CA PRO B 265 -15.47 -8.61 -19.75
C PRO B 265 -14.54 -7.63 -20.47
N GLN B 266 -14.74 -6.35 -20.24
CA GLN B 266 -13.92 -5.31 -20.93
C GLN B 266 -12.41 -5.54 -20.70
N TYR B 267 -12.04 -6.01 -19.50
CA TYR B 267 -10.60 -6.21 -19.19
C TYR B 267 -10.08 -7.53 -19.75
N LEU B 268 -11.00 -8.45 -20.07
CA LEU B 268 -10.61 -9.75 -20.68
C LEU B 268 -10.41 -9.65 -22.18
N VAL B 269 -11.17 -8.76 -22.84
CA VAL B 269 -11.19 -8.76 -24.32
C VAL B 269 -10.90 -7.44 -25.04
N LEU B 270 -10.78 -6.35 -24.29
CA LEU B 270 -10.39 -5.07 -24.87
C LEU B 270 -9.05 -4.67 -24.26
N ASP B 271 -8.32 -3.81 -24.98
CA ASP B 271 -7.03 -3.39 -24.51
C ASP B 271 -6.82 -1.89 -24.75
N ILE B 272 -5.75 -1.35 -24.18
CA ILE B 272 -5.51 0.10 -24.09
C ILE B 272 -5.50 0.79 -25.48
N THR B 273 -5.22 0.01 -26.52
CA THR B 273 -5.18 0.59 -27.86
C THR B 273 -6.54 1.10 -28.31
N ALA B 274 -7.63 0.54 -27.77
CA ALA B 274 -8.98 1.06 -28.05
C ALA B 274 -9.14 2.57 -27.76
N LEU B 275 -8.42 3.08 -26.75
CA LEU B 275 -8.60 4.47 -26.33
C LEU B 275 -7.88 5.37 -27.33
N GLU B 276 -7.06 4.77 -28.20
CA GLU B 276 -6.33 5.57 -29.21
C GLU B 276 -7.16 5.84 -30.46
N LYS B 277 -8.33 5.21 -30.58
CA LYS B 277 -9.14 5.42 -31.79
C LYS B 277 -9.35 6.92 -31.98
N PRO B 278 -9.12 7.42 -33.22
CA PRO B 278 -9.18 8.89 -33.43
C PRO B 278 -10.60 9.43 -33.53
N ASP B 279 -10.72 10.74 -33.73
CA ASP B 279 -12.01 11.43 -33.87
C ASP B 279 -12.89 11.21 -32.64
N PHE B 280 -12.24 11.22 -31.47
CA PHE B 280 -12.92 11.09 -30.17
C PHE B 280 -13.53 9.72 -29.95
N GLU B 281 -13.35 8.77 -30.89
CA GLU B 281 -13.93 7.43 -30.71
C GLU B 281 -13.35 6.73 -29.46
N GLY B 282 -12.11 7.08 -29.09
CA GLY B 282 -11.52 6.49 -27.86
C GLY B 282 -12.30 6.80 -26.58
N ALA B 283 -13.14 7.86 -26.61
CA ALA B 283 -13.98 8.21 -25.46
C ALA B 283 -15.00 7.15 -25.13
N LYS B 284 -15.31 6.30 -26.13
CA LYS B 284 -16.26 5.18 -25.96
C LYS B 284 -15.72 4.18 -24.91
N TYR B 285 -14.40 4.15 -24.77
CA TYR B 285 -13.71 3.12 -24.00
C TYR B 285 -13.13 3.67 -22.69
N VAL B 286 -13.62 4.83 -22.30
CA VAL B 286 -13.20 5.53 -21.06
C VAL B 286 -14.03 5.07 -19.86
N TRP B 287 -13.34 4.31 -19.00
CA TRP B 287 -13.91 3.77 -17.73
C TRP B 287 -12.69 3.43 -16.89
N SER B 288 -12.87 3.21 -15.57
CA SER B 288 -11.73 3.06 -14.67
C SER B 288 -11.94 1.80 -13.83
N PRO B 289 -10.85 1.07 -13.53
CA PRO B 289 -9.52 1.33 -14.04
C PRO B 289 -9.48 1.26 -15.57
N PRO B 290 -8.41 1.80 -16.16
CA PRO B 290 -8.48 1.92 -17.62
C PRO B 290 -8.13 0.60 -18.30
N LEU B 291 -8.49 0.49 -19.56
CA LEU B 291 -7.97 -0.61 -20.37
C LEU B 291 -6.44 -0.66 -20.31
N ARG B 292 -5.92 -1.90 -20.39
CA ARG B 292 -4.54 -2.21 -20.09
C ARG B 292 -3.83 -2.75 -21.34
N GLU B 293 -2.49 -2.82 -21.32
CA GLU B 293 -1.79 -3.55 -22.35
C GLU B 293 -2.33 -4.97 -22.45
N LYS B 294 -2.46 -5.45 -23.68
CA LYS B 294 -3.17 -6.68 -23.96
C LYS B 294 -2.64 -7.92 -23.23
N TRP B 295 -1.32 -7.98 -22.95
CA TRP B 295 -0.78 -9.10 -22.19
C TRP B 295 -1.46 -9.34 -20.82
N ASN B 296 -2.04 -8.29 -20.22
CA ASN B 296 -2.74 -8.43 -18.94
C ASN B 296 -3.95 -9.39 -19.04
N GLN B 297 -4.53 -9.51 -20.24
CA GLN B 297 -5.80 -10.27 -20.40
C GLN B 297 -5.55 -11.71 -20.04
N ASP B 298 -4.47 -12.28 -20.55
CA ASP B 298 -4.30 -13.72 -20.31
C ASP B 298 -3.94 -13.98 -18.84
N VAL B 299 -3.43 -12.98 -18.14
CA VAL B 299 -3.15 -13.16 -16.69
C VAL B 299 -4.50 -13.24 -15.93
N LEU B 300 -5.43 -12.35 -16.29
CA LEU B 300 -6.77 -12.42 -15.76
C LEU B 300 -7.45 -13.76 -16.08
N TRP B 301 -7.32 -14.22 -17.33
CA TRP B 301 -7.96 -15.50 -17.70
C TRP B 301 -7.37 -16.63 -16.87
N SER B 302 -6.05 -16.61 -16.72
CA SER B 302 -5.33 -17.60 -15.87
C SER B 302 -5.86 -17.58 -14.45
N ALA B 303 -6.07 -16.37 -13.92
CA ALA B 303 -6.52 -16.22 -12.55
C ALA B 303 -7.94 -16.77 -12.38
N LEU B 304 -8.82 -16.55 -13.35
CA LEU B 304 -10.15 -17.21 -13.28
C LEU B 304 -10.05 -18.72 -13.36
N LYS B 305 -9.23 -19.20 -14.30
CA LYS B 305 -9.07 -20.65 -14.51
C LYS B 305 -8.58 -21.31 -13.23
N ASN B 306 -7.61 -20.67 -12.59
CA ASN B 306 -6.98 -21.28 -11.40
C ASN B 306 -7.51 -20.78 -10.05
N GLY B 307 -8.67 -20.11 -10.07
CA GLY B 307 -9.40 -19.78 -8.85
C GLY B 307 -8.90 -18.62 -8.02
N ILE B 308 -7.99 -17.82 -8.59
CA ILE B 308 -7.44 -16.63 -7.91
C ILE B 308 -8.41 -15.43 -7.98
N LEU B 309 -9.17 -15.35 -9.09
CA LEU B 309 -10.35 -14.48 -9.19
C LEU B 309 -11.56 -15.40 -9.27
N GLN B 310 -12.67 -14.98 -8.65
CA GLN B 310 -13.78 -15.92 -8.43
C GLN B 310 -15.06 -15.51 -9.20
N THR B 311 -15.14 -14.25 -9.61
CA THR B 311 -16.36 -13.70 -10.25
C THR B 311 -16.11 -12.82 -11.45
N VAL B 312 -17.15 -12.70 -12.26
CA VAL B 312 -17.20 -11.69 -13.32
C VAL B 312 -18.42 -10.81 -13.17
N GLY B 313 -18.16 -9.53 -13.06
CA GLY B 313 -19.25 -8.54 -13.04
C GLY B 313 -19.09 -7.62 -14.26
N SER B 314 -20.09 -6.78 -14.53
CA SER B 314 -20.00 -5.89 -15.72
C SER B 314 -19.40 -4.52 -15.44
N ASP B 315 -19.58 -3.98 -14.24
CA ASP B 315 -19.41 -2.52 -14.04
C ASP B 315 -20.23 -1.73 -15.08
N HIS B 316 -21.45 -2.18 -15.31
CA HIS B 316 -22.31 -1.51 -16.27
C HIS B 316 -22.57 -0.08 -15.83
N CYS B 317 -22.13 0.89 -16.63
CA CYS B 317 -22.14 2.31 -16.21
C CYS B 317 -22.22 3.18 -17.49
N PRO B 318 -23.36 3.09 -18.21
CA PRO B 318 -23.38 3.46 -19.63
C PRO B 318 -23.66 4.93 -19.80
N PHE B 319 -22.95 5.54 -20.76
CA PHE B 319 -23.19 6.93 -21.17
C PHE B 319 -23.20 6.95 -22.69
N ASN B 320 -24.21 7.61 -23.28
CA ASN B 320 -24.18 7.78 -24.72
C ASN B 320 -22.94 8.47 -25.20
N PHE B 321 -22.48 8.06 -26.37
CA PHE B 321 -21.33 8.68 -27.01
C PHE B 321 -21.71 10.13 -27.37
N SER B 322 -22.85 10.27 -28.04
CA SER B 322 -23.39 11.58 -28.34
C SER B 322 -23.91 12.25 -27.05
N GLY B 323 -23.41 13.45 -26.78
CA GLY B 323 -23.90 14.27 -25.69
C GLY B 323 -23.19 14.03 -24.36
N GLN B 324 -23.30 12.80 -23.86
CA GLN B 324 -22.70 12.44 -22.58
C GLN B 324 -21.17 12.27 -22.63
N LYS B 325 -20.67 11.29 -23.38
CA LYS B 325 -19.22 11.17 -23.52
C LYS B 325 -18.61 12.47 -24.02
N GLU B 326 -19.36 13.19 -24.87
CA GLU B 326 -18.84 14.47 -25.42
C GLU B 326 -18.64 15.59 -24.41
N LEU B 327 -19.15 15.41 -23.19
CA LEU B 327 -18.82 16.35 -22.12
C LEU B 327 -17.31 16.49 -21.96
N GLY B 328 -16.59 15.48 -22.42
CA GLY B 328 -15.14 15.43 -22.23
C GLY B 328 -14.35 15.72 -23.52
N ARG B 329 -15.01 16.24 -24.55
CA ARG B 329 -14.23 16.71 -25.73
C ARG B 329 -13.26 17.79 -25.24
N ARG B 330 -11.98 17.62 -25.54
CA ARG B 330 -10.98 18.62 -25.13
C ARG B 330 -10.53 18.49 -23.68
N ASP B 331 -11.05 17.50 -22.95
CA ASP B 331 -10.65 17.31 -21.54
C ASP B 331 -11.10 15.94 -21.04
N PHE B 332 -10.22 14.96 -21.14
CA PHE B 332 -10.59 13.55 -20.87
C PHE B 332 -11.10 13.38 -19.42
N THR B 333 -10.71 14.27 -18.52
CA THR B 333 -11.15 14.16 -17.10
C THR B 333 -12.64 14.44 -16.97
N LYS B 334 -13.25 15.04 -18.02
CA LYS B 334 -14.70 15.29 -18.04
C LYS B 334 -15.51 14.34 -18.90
N ILE B 335 -14.87 13.32 -19.47
CA ILE B 335 -15.59 12.21 -20.07
C ILE B 335 -16.17 11.43 -18.91
N PRO B 336 -17.52 11.31 -18.84
CA PRO B 336 -18.09 10.44 -17.79
C PRO B 336 -17.58 9.01 -17.94
N ASN B 337 -17.11 8.41 -16.84
CA ASN B 337 -16.38 7.14 -16.88
C ASN B 337 -17.40 6.02 -16.81
N GLY B 338 -17.26 5.02 -17.68
CA GLY B 338 -18.16 3.85 -17.65
C GLY B 338 -18.51 3.26 -19.01
N GLY B 339 -18.70 1.94 -19.06
CA GLY B 339 -19.04 1.25 -20.30
C GLY B 339 -20.38 0.58 -20.27
N PRO B 340 -20.95 0.27 -21.46
CA PRO B 340 -22.20 -0.47 -21.55
C PRO B 340 -21.88 -1.96 -21.73
N ILE B 341 -21.90 -2.69 -20.61
CA ILE B 341 -21.31 -4.00 -20.50
C ILE B 341 -22.33 -5.06 -20.04
N ILE B 342 -23.50 -4.62 -19.57
CA ILE B 342 -24.37 -5.57 -18.86
C ILE B 342 -24.88 -6.68 -19.78
N GLU B 343 -25.08 -6.35 -21.05
CA GLU B 343 -25.84 -7.25 -21.89
C GLU B 343 -24.96 -8.35 -22.42
N ASP B 344 -23.66 -8.08 -22.55
CA ASP B 344 -22.82 -9.03 -23.28
C ASP B 344 -21.91 -9.84 -22.35
N ARG B 345 -22.05 -9.62 -21.04
CA ARG B 345 -21.19 -10.30 -20.04
C ARG B 345 -21.18 -11.82 -20.18
N MET B 346 -22.36 -12.43 -20.21
CA MET B 346 -22.45 -13.88 -20.27
C MET B 346 -21.90 -14.45 -21.59
N THR B 347 -22.36 -13.90 -22.73
CA THR B 347 -21.96 -14.44 -24.00
C THR B 347 -20.46 -14.30 -24.21
N ILE B 348 -19.87 -13.16 -23.78
CA ILE B 348 -18.42 -12.98 -23.95
C ILE B 348 -17.63 -13.99 -23.13
N LEU B 349 -18.08 -14.22 -21.90
CA LEU B 349 -17.40 -15.25 -21.09
C LEU B 349 -17.51 -16.65 -21.67
N PHE B 350 -18.68 -16.98 -22.23
CA PHE B 350 -18.81 -18.28 -22.88
C PHE B 350 -17.92 -18.38 -24.15
N SER B 351 -18.00 -17.38 -25.00
CA SER B 351 -17.39 -17.45 -26.33
C SER B 351 -15.86 -17.25 -26.32
N GLU B 352 -15.37 -16.35 -25.49
CA GLU B 352 -13.93 -16.11 -25.44
C GLU B 352 -13.31 -16.94 -24.32
N GLY B 353 -14.13 -17.40 -23.38
CA GLY B 353 -13.58 -18.20 -22.28
C GLY B 353 -13.75 -19.69 -22.49
N VAL B 354 -14.99 -20.15 -22.41
CA VAL B 354 -15.26 -21.58 -22.54
C VAL B 354 -14.80 -22.17 -23.86
N ARG B 355 -15.20 -21.54 -24.95
CA ARG B 355 -14.97 -22.09 -26.26
C ARG B 355 -13.50 -22.14 -26.62
N LYS B 356 -12.72 -21.23 -26.02
CA LYS B 356 -11.28 -21.17 -26.23
C LYS B 356 -10.44 -21.91 -25.18
N GLY B 357 -11.10 -22.63 -24.27
CA GLY B 357 -10.36 -23.46 -23.32
C GLY B 357 -9.73 -22.68 -22.17
N LYS B 358 -10.10 -21.41 -22.01
CA LYS B 358 -9.53 -20.58 -20.93
C LYS B 358 -10.14 -20.91 -19.59
N ILE B 359 -11.43 -21.26 -19.59
CA ILE B 359 -12.12 -21.71 -18.39
C ILE B 359 -13.01 -22.86 -18.80
N SER B 360 -13.42 -23.71 -17.86
CA SER B 360 -14.37 -24.75 -18.21
C SER B 360 -15.81 -24.23 -18.26
N LEU B 361 -16.69 -24.99 -18.90
CA LEU B 361 -18.13 -24.73 -18.83
C LEU B 361 -18.69 -24.60 -17.41
N ASN B 362 -18.33 -25.51 -16.50
CA ASN B 362 -18.78 -25.39 -15.11
C ASN B 362 -18.20 -24.18 -14.39
N GLN B 363 -16.94 -23.84 -14.68
CA GLN B 363 -16.38 -22.60 -14.11
C GLN B 363 -17.10 -21.37 -14.61
N PHE B 364 -17.48 -21.40 -15.90
CA PHE B 364 -18.28 -20.33 -16.47
C PHE B 364 -19.51 -20.07 -15.60
N VAL B 365 -20.26 -21.12 -15.25
CA VAL B 365 -21.44 -20.90 -14.44
C VAL B 365 -21.06 -20.39 -13.05
N ASP B 366 -20.04 -21.00 -12.43
CA ASP B 366 -19.58 -20.53 -11.11
C ASP B 366 -19.27 -19.02 -11.11
N ILE B 367 -18.50 -18.57 -12.08
CA ILE B 367 -18.04 -17.19 -12.00
C ILE B 367 -19.11 -16.19 -12.40
N THR B 368 -20.11 -16.64 -13.18
CA THR B 368 -21.17 -15.70 -13.62
C THR B 368 -22.43 -15.77 -12.76
N SER B 369 -22.55 -16.79 -11.93
CA SER B 369 -23.78 -17.03 -11.21
C SER B 369 -23.56 -17.56 -9.76
N THR B 370 -23.08 -18.79 -9.65
CA THR B 370 -23.11 -19.50 -8.38
C THR B 370 -22.21 -18.85 -7.30
N LYS B 371 -20.97 -18.56 -7.67
CA LYS B 371 -20.03 -17.99 -6.70
C LYS B 371 -20.40 -16.54 -6.40
N VAL B 372 -21.03 -15.84 -7.37
CA VAL B 372 -21.60 -14.52 -7.07
C VAL B 372 -22.67 -14.62 -5.98
N ALA B 373 -23.59 -15.58 -6.12
CA ALA B 373 -24.66 -15.72 -5.14
C ALA B 373 -24.07 -15.99 -3.79
N LYS B 374 -23.08 -16.88 -3.75
CA LYS B 374 -22.48 -17.30 -2.48
C LYS B 374 -21.76 -16.14 -1.78
N LEU B 375 -21.01 -15.34 -2.54
CA LEU B 375 -20.28 -14.21 -1.93
C LEU B 375 -21.21 -13.06 -1.49
N PHE B 376 -22.39 -12.94 -2.11
CA PHE B 376 -23.24 -11.79 -1.85
C PHE B 376 -24.54 -12.25 -1.18
N GLY B 377 -24.55 -13.46 -0.61
CA GLY B 377 -25.59 -13.82 0.38
C GLY B 377 -26.93 -14.06 -0.28
N MET B 378 -26.92 -14.57 -1.50
CA MET B 378 -28.15 -14.81 -2.28
C MET B 378 -28.36 -16.31 -2.54
N PHE B 379 -27.47 -17.13 -1.99
CA PHE B 379 -27.48 -18.58 -2.24
C PHE B 379 -28.12 -19.30 -1.04
N PRO B 380 -28.98 -20.31 -1.28
CA PRO B 380 -29.26 -21.03 -2.53
C PRO B 380 -30.47 -20.50 -3.29
N GLN B 381 -31.06 -19.43 -2.83
CA GLN B 381 -32.27 -18.92 -3.51
C GLN B 381 -31.98 -18.67 -4.98
N LYS B 382 -30.85 -17.98 -5.19
CA LYS B 382 -30.31 -17.69 -6.52
C LYS B 382 -29.00 -18.45 -6.80
N GLY B 383 -28.61 -18.50 -8.07
CA GLY B 383 -27.24 -18.89 -8.47
C GLY B 383 -27.06 -20.35 -8.82
N THR B 384 -28.14 -21.13 -8.87
CA THR B 384 -27.98 -22.50 -9.28
C THR B 384 -29.25 -23.11 -9.93
N ILE B 385 -29.15 -24.35 -10.39
CA ILE B 385 -30.35 -25.11 -10.80
C ILE B 385 -30.47 -26.34 -9.96
N ALA B 386 -31.37 -26.26 -8.99
CA ALA B 386 -31.50 -27.31 -7.97
C ALA B 386 -32.90 -27.22 -7.38
N VAL B 387 -33.41 -28.38 -6.91
CA VAL B 387 -34.65 -28.39 -6.17
C VAL B 387 -34.63 -27.37 -5.04
N GLY B 388 -35.63 -26.49 -5.07
CA GLY B 388 -35.79 -25.44 -4.07
C GLY B 388 -35.22 -24.08 -4.46
N SER B 389 -34.44 -24.02 -5.54
CA SER B 389 -33.96 -22.73 -6.07
C SER B 389 -35.11 -21.97 -6.68
N ASP B 390 -35.03 -20.65 -6.68
CA ASP B 390 -35.84 -19.87 -7.63
C ASP B 390 -35.60 -20.40 -9.05
N ALA B 391 -36.67 -20.44 -9.84
CA ALA B 391 -36.56 -20.88 -11.24
C ALA B 391 -36.05 -19.76 -12.14
N ASP B 392 -34.78 -19.41 -11.95
CA ASP B 392 -34.13 -18.36 -12.74
C ASP B 392 -33.17 -19.09 -13.69
N ILE B 393 -33.58 -19.23 -14.94
CA ILE B 393 -33.01 -20.22 -15.82
C ILE B 393 -32.92 -19.60 -17.20
N VAL B 394 -31.78 -19.83 -17.84
CA VAL B 394 -31.54 -19.34 -19.19
C VAL B 394 -31.45 -20.51 -20.12
N LEU B 395 -32.23 -20.47 -21.22
CA LEU B 395 -32.02 -21.43 -22.27
C LEU B 395 -31.05 -20.81 -23.24
N PHE B 396 -29.92 -21.49 -23.42
CA PHE B 396 -28.75 -20.94 -24.14
C PHE B 396 -28.34 -21.87 -25.28
N ASP B 397 -28.32 -21.33 -26.48
CA ASP B 397 -27.88 -22.11 -27.63
C ASP B 397 -26.43 -21.82 -27.97
N PRO B 398 -25.56 -22.79 -27.70
CA PRO B 398 -24.13 -22.50 -27.75
C PRO B 398 -23.60 -22.53 -29.19
N THR B 399 -24.43 -22.96 -30.14
CA THR B 399 -24.01 -23.22 -31.53
C THR B 399 -24.18 -22.00 -32.44
N VAL B 400 -24.97 -21.04 -31.98
CA VAL B 400 -25.32 -19.86 -32.78
C VAL B 400 -24.13 -18.92 -32.92
N GLN B 401 -23.72 -18.61 -34.15
CA GLN B 401 -22.67 -17.63 -34.38
C GLN B 401 -23.32 -16.32 -34.73
N ARG B 402 -22.88 -15.23 -34.12
CA ARG B 402 -23.49 -13.92 -34.37
C ARG B 402 -22.48 -12.78 -34.20
N THR B 403 -22.85 -11.53 -34.55
CA THR B 403 -22.02 -10.36 -34.19
C THR B 403 -22.69 -9.58 -33.10
N ILE B 404 -21.88 -8.95 -32.24
CA ILE B 404 -22.42 -8.00 -31.28
C ILE B 404 -22.54 -6.62 -31.93
N SER B 405 -23.70 -5.97 -31.78
CA SER B 405 -23.93 -4.67 -32.40
C SER B 405 -24.88 -3.84 -31.58
N VAL B 406 -24.66 -2.55 -31.57
CA VAL B 406 -25.68 -1.59 -31.11
C VAL B 406 -27.04 -1.81 -31.83
N GLU B 407 -26.98 -2.33 -33.05
CA GLU B 407 -28.19 -2.51 -33.84
C GLU B 407 -29.15 -3.52 -33.24
N THR B 408 -28.62 -4.49 -32.51
CA THR B 408 -29.43 -5.59 -31.99
C THR B 408 -29.43 -5.67 -30.46
N HIS B 409 -28.62 -4.84 -29.79
CA HIS B 409 -28.62 -4.80 -28.32
C HIS B 409 -29.82 -4.02 -27.74
N HIS B 410 -30.00 -4.10 -26.42
CA HIS B 410 -31.19 -3.57 -25.75
C HIS B 410 -30.84 -2.57 -24.67
N MET B 411 -29.55 -2.31 -24.51
CA MET B 411 -29.14 -1.27 -23.61
C MET B 411 -29.51 0.06 -24.20
N ASN B 412 -29.93 0.98 -23.34
CA ASN B 412 -30.37 2.31 -23.73
C ASN B 412 -29.19 3.25 -23.91
N VAL B 413 -28.39 2.94 -24.93
CA VAL B 413 -27.17 3.66 -25.19
C VAL B 413 -26.85 3.55 -26.66
N ASP B 414 -26.22 4.59 -27.21
CA ASP B 414 -26.06 4.68 -28.67
C ASP B 414 -24.83 3.96 -29.29
N TYR B 415 -24.11 3.16 -28.49
CA TYR B 415 -23.01 2.36 -29.05
C TYR B 415 -22.79 1.14 -28.18
N ASN B 416 -22.09 0.17 -28.74
CA ASN B 416 -21.68 -1.00 -27.98
C ASN B 416 -20.16 -1.10 -28.11
N PRO B 417 -19.43 -1.21 -26.98
CA PRO B 417 -17.93 -1.23 -27.10
C PRO B 417 -17.40 -2.48 -27.77
N PHE B 418 -18.26 -3.49 -27.91
CA PHE B 418 -17.88 -4.76 -28.56
C PHE B 418 -18.41 -4.85 -29.99
N GLU B 419 -18.78 -3.68 -30.53
CA GLU B 419 -19.30 -3.56 -31.88
C GLU B 419 -18.44 -4.35 -32.87
N GLY B 420 -19.07 -5.25 -33.60
CA GLY B 420 -18.39 -6.03 -34.64
C GLY B 420 -17.70 -7.30 -34.15
N MET B 421 -17.78 -7.56 -32.85
CA MET B 421 -17.15 -8.78 -32.30
C MET B 421 -17.94 -10.01 -32.64
N GLN B 422 -17.28 -10.99 -33.27
CA GLN B 422 -17.92 -12.25 -33.55
C GLN B 422 -17.94 -13.14 -32.30
N VAL B 423 -19.12 -13.71 -31.99
CA VAL B 423 -19.23 -14.62 -30.85
C VAL B 423 -20.04 -15.87 -31.20
N HIS B 424 -19.87 -16.93 -30.38
CA HIS B 424 -20.84 -18.02 -30.39
C HIS B 424 -21.68 -17.92 -29.15
N GLY B 425 -22.95 -18.29 -29.28
CA GLY B 425 -23.81 -18.37 -28.13
C GLY B 425 -24.94 -17.36 -28.23
N ASP B 426 -26.16 -17.83 -28.00
CA ASP B 426 -27.30 -16.97 -28.08
C ASP B 426 -28.26 -17.32 -26.94
N VAL B 427 -28.70 -16.29 -26.25
CA VAL B 427 -29.70 -16.38 -25.20
C VAL B 427 -31.10 -16.42 -25.83
N ILE B 428 -31.75 -17.57 -25.71
CA ILE B 428 -33.02 -17.82 -26.43
C ILE B 428 -34.21 -17.43 -25.56
N SER B 429 -34.25 -17.96 -24.34
CA SER B 429 -35.32 -17.67 -23.41
C SER B 429 -34.76 -17.56 -22.02
N VAL B 430 -35.44 -16.77 -21.20
CA VAL B 430 -34.96 -16.47 -19.86
C VAL B 430 -36.17 -16.49 -18.90
N LEU B 431 -36.05 -17.30 -17.85
CA LEU B 431 -37.07 -17.34 -16.78
C LEU B 431 -36.60 -16.64 -15.49
N SER B 432 -37.45 -15.80 -14.91
CA SER B 432 -37.16 -15.25 -13.57
C SER B 432 -38.26 -15.70 -12.64
N ARG B 433 -37.89 -16.42 -11.59
CA ARG B 433 -38.87 -17.04 -10.71
C ARG B 433 -40.00 -17.71 -11.50
N GLY B 434 -39.63 -18.56 -12.46
CA GLY B 434 -40.62 -19.41 -13.10
C GLY B 434 -41.43 -18.72 -14.19
N ALA B 435 -41.29 -17.40 -14.30
CA ALA B 435 -42.01 -16.64 -15.34
C ALA B 435 -41.06 -16.22 -16.43
N PHE B 436 -41.53 -16.32 -17.67
CA PHE B 436 -40.73 -15.85 -18.79
C PHE B 436 -40.48 -14.35 -18.70
N VAL B 437 -39.24 -13.97 -18.96
CA VAL B 437 -38.90 -12.56 -19.16
C VAL B 437 -38.54 -12.31 -20.66
N VAL B 438 -37.81 -13.25 -21.23
CA VAL B 438 -37.54 -13.29 -22.64
C VAL B 438 -37.98 -14.70 -23.12
N ARG B 439 -38.69 -14.77 -24.24
CA ARG B 439 -39.05 -16.06 -24.81
C ARG B 439 -38.82 -16.04 -26.31
N ASN B 440 -37.96 -16.94 -26.76
CA ASN B 440 -37.56 -16.98 -28.17
C ASN B 440 -37.15 -15.60 -28.65
N LYS B 441 -36.29 -14.96 -27.85
CA LYS B 441 -35.68 -13.69 -28.20
C LYS B 441 -36.61 -12.51 -28.33
N GLN B 442 -37.84 -12.61 -27.81
CA GLN B 442 -38.63 -11.40 -27.56
C GLN B 442 -38.99 -11.16 -26.13
N PHE B 443 -39.09 -9.89 -25.80
CA PHE B 443 -39.37 -9.49 -24.44
C PHE B 443 -40.80 -9.82 -24.13
N VAL B 444 -41.02 -10.57 -23.06
CA VAL B 444 -42.38 -10.91 -22.59
C VAL B 444 -42.56 -10.59 -21.13
N GLY B 445 -41.60 -9.86 -20.55
CA GLY B 445 -41.68 -9.52 -19.11
C GLY B 445 -42.33 -8.18 -18.84
N HIS B 446 -42.23 -7.71 -17.60
CA HIS B 446 -42.89 -6.46 -17.25
C HIS B 446 -42.18 -5.63 -16.22
N ALA B 447 -42.29 -4.32 -16.36
CA ALA B 447 -41.70 -3.37 -15.45
C ALA B 447 -42.34 -3.61 -14.07
N GLY B 448 -41.49 -3.82 -13.06
CA GLY B 448 -41.94 -4.10 -11.72
C GLY B 448 -42.06 -5.57 -11.35
N ALA B 449 -41.87 -6.46 -12.31
CA ALA B 449 -41.91 -7.89 -11.99
C ALA B 449 -40.80 -8.22 -10.98
N GLY B 450 -39.70 -7.46 -11.05
CA GLY B 450 -38.51 -7.80 -10.28
C GLY B 450 -38.69 -7.48 -8.81
N ARG B 451 -38.01 -8.25 -7.95
CA ARG B 451 -38.20 -8.10 -6.50
C ARG B 451 -36.87 -7.73 -5.87
N TYR B 452 -36.91 -6.94 -4.79
CA TYR B 452 -35.71 -6.63 -3.98
C TYR B 452 -35.31 -7.85 -3.18
N VAL B 453 -34.01 -8.15 -3.12
CA VAL B 453 -33.54 -9.33 -2.40
C VAL B 453 -32.79 -8.85 -1.16
N LYS B 454 -33.30 -9.21 0.04
CA LYS B 454 -32.53 -8.97 1.29
C LYS B 454 -31.50 -10.07 1.42
N ARG B 455 -30.22 -9.70 1.51
CA ARG B 455 -29.17 -10.70 1.40
C ARG B 455 -28.64 -11.12 2.77
N SER B 456 -28.14 -12.35 2.83
CA SER B 456 -27.65 -12.89 4.10
C SER B 456 -26.24 -12.39 4.44
N THR B 457 -25.91 -12.47 5.73
CA THR B 457 -24.56 -12.11 6.18
C THR B 457 -23.53 -13.06 5.63
N PHE B 458 -22.29 -12.62 5.66
CA PHE B 458 -21.27 -13.25 4.87
C PHE B 458 -20.90 -14.63 5.39
N ALA B 459 -20.80 -15.59 4.48
CA ALA B 459 -20.24 -16.92 4.77
C ALA B 459 -19.27 -17.31 3.67
N ARG B 460 -18.13 -17.90 4.04
CA ARG B 460 -17.15 -18.21 3.00
C ARG B 460 -17.71 -19.30 2.09
N PRO B 461 -17.45 -19.20 0.78
CA PRO B 461 -18.03 -20.17 -0.15
C PRO B 461 -17.37 -21.56 -0.08
#